data_6VK1
#
_entry.id   6VK1
#
_cell.length_a   1.00
_cell.length_b   1.00
_cell.length_c   1.00
_cell.angle_alpha   90.00
_cell.angle_beta   90.00
_cell.angle_gamma   90.00
#
_symmetry.space_group_name_H-M   'P 1'
#
loop_
_entity.id
_entity.type
_entity.pdbx_description
1 polymer 'ERAD-associated E3 ubiquitin-protein ligase HRD1'
2 polymer 'ERAD-associated E3 ubiquitin-protein ligase component HRD3'
#
loop_
_entity_poly.entity_id
_entity_poly.type
_entity_poly.pdbx_seq_one_letter_code
_entity_poly.pdbx_strand_id
1 'polypeptide(L)'
;MVPENRRKQLAIFVVVTYLLTFYCVYSATKTSVSFLQVTLKLNEGFNLMVLSIFILLNSTLLWQLLTKLLFGELRLIEHE
HIFERLPFTIINTLFMSSLFHERYFFTVAFFGLLLLYLKVFHWILKDRLEALLQSINDSTTMKTLIFSRFSFNLVLLAVV
DYQIITRCISSIYTNQKSDIESTSLYLIQVMEFTMLLIDLLNLFLQTCLNFWEFYRSQQSLSNENNHIVHGDPTDENTVE
SDQSQPVLNDDDDDDDDDRQFTGLEGKFMYEKAIDVFTRFLKTALHLSMLIPFRMPMMLLKDVVWDILALYQSGTSLWKI
WRNNKQLDDTLVTVTVEQLQNSANDDNICIICMDELIHSPNQQTWKNKNKKPKRLPCGHILHLSCLKNWMERSQTCPICR
LPVFDEKGNVVQTTFTSNSDITTQTTVTDSTGIATDQQGFANEVDLLPTRTTSPDIRIVPTQNIDTLAMRTRSTSTPSPT
;
B
2 'polypeptide(L)'
;MITLLLYLCVICNAIVLIRADSIADPWPEARHLLNTIAKSRDPMKEAAMEPNADEFVGFYVPMDYSPRNEEKNYQSIWQN
EITDSQRHIYELLVQSSEQFNNSEATYTLSQIHLWSQYNFPHNMTLAHKYLEKFNDLTHFTNHSAIFDLAVMYATGGCAS
GNDQTVIPQDSAKALLYYQRAAQLGNLKAKQVLAYKYYSGFNVPRNFHKSLVLYRDIAEQLRKSYSRDEWDIVFPYWESY
NVRISDFESGLLGKGLNSVPSSTVRKRTTRPDIGSPFIAQVNGVQMTLQIEPMGRFAFNGNDGNINGDEDDEDASERRII
RIYYAALNDYKGTYSQSRNCERAKNLLELTYKEFQPHVDNLDPLQVFYYVRCLQLLGHMYFTGEGSSKPNIHMAEEILTT
SLEISRRAQGPIGRACIDLGLINQYITNNISQAISYYMKAMKTQANNGIVEFQLSKLATSFPEEKIGDPFNLMETAYLNG
FIPAIYEFAVMIESGMNSKSSVENTAYLFKTFVDKNEAIMAPKLRTAFAALINDRSEVALWAYSQLAEQGYETAQVSAAY
LMYQLPYEFEDPPRTTDQRKTLAISYYTRAFKQGNIDAGVVAGDIYFQMQNYSKAMALYQGAALKYSIQAIWNLGYMHEH
GLGVNRDFHLAKRYYDQVSEHDHRFYLASKLSVLKLHLKSWLTWITREKVNYWKPSSPLNPNEDTQHSKTSWYKQLTKIL
QRMRHKEDSDKAAEDSHKHRTVVQNGANHRGDDQEEASEILGFQMED
;
A
#
# COMPACT_ATOMS: atom_id res chain seq x y z
N MET A 1 -0.39 48.55 19.04
CA MET A 1 0.31 47.99 17.88
C MET A 1 1.23 46.86 18.30
N VAL A 2 2.53 47.05 18.10
CA VAL A 2 3.54 46.02 18.38
C VAL A 2 4.44 46.52 19.51
N PRO A 3 4.38 45.92 20.70
CA PRO A 3 5.40 46.19 21.71
C PRO A 3 6.73 45.53 21.35
N GLU A 4 7.80 46.05 21.96
CA GLU A 4 9.14 45.56 21.66
C GLU A 4 9.26 44.05 21.93
N ASN A 5 8.82 43.62 23.12
CA ASN A 5 8.85 42.20 23.44
C ASN A 5 8.00 41.40 22.48
N ARG A 6 6.88 41.97 22.04
CA ARG A 6 6.05 41.29 21.04
C ARG A 6 6.79 41.16 19.72
N ARG A 7 7.56 42.18 19.34
CA ARG A 7 8.31 42.11 18.08
C ARG A 7 9.39 41.04 18.14
N LYS A 8 10.12 40.96 19.26
CA LYS A 8 11.13 39.92 19.38
C LYS A 8 10.47 38.53 19.46
N GLN A 9 9.31 38.44 20.12
CA GLN A 9 8.56 37.19 20.12
C GLN A 9 8.17 36.77 18.72
N LEU A 10 7.76 37.74 17.88
CA LEU A 10 7.37 37.41 16.52
C LEU A 10 8.57 36.98 15.68
N ALA A 11 9.72 37.64 15.87
CA ALA A 11 10.93 37.20 15.16
C ALA A 11 11.30 35.77 15.55
N ILE A 12 11.25 35.47 16.86
CA ILE A 12 11.51 34.12 17.33
C ILE A 12 10.53 33.14 16.70
N PHE A 13 9.25 33.52 16.64
CA PHE A 13 8.24 32.66 16.04
C PHE A 13 8.54 32.36 14.58
N VAL A 14 8.90 33.39 13.81
CA VAL A 14 9.21 33.21 12.39
C VAL A 14 10.39 32.26 12.23
N VAL A 15 11.47 32.49 12.97
CA VAL A 15 12.63 31.64 12.75
C VAL A 15 12.36 30.20 13.21
N VAL A 16 11.60 30.03 14.30
CA VAL A 16 11.27 28.68 14.75
C VAL A 16 10.43 27.95 13.70
N THR A 17 9.45 28.65 13.13
CA THR A 17 8.59 28.02 12.13
C THR A 17 9.38 27.64 10.88
N TYR A 18 10.26 28.55 10.43
CA TYR A 18 11.07 28.24 9.25
C TYR A 18 11.96 27.04 9.50
N LEU A 19 12.64 27.01 10.66
CA LEU A 19 13.51 25.88 10.98
C LEU A 19 12.73 24.58 11.05
N LEU A 20 11.58 24.60 11.73
CA LEU A 20 10.74 23.41 11.86
C LEU A 20 10.32 22.89 10.50
N THR A 21 9.87 23.78 9.61
CA THR A 21 9.39 23.34 8.31
C THR A 21 10.53 22.78 7.47
N PHE A 22 11.69 23.46 7.48
CA PHE A 22 12.84 22.95 6.73
C PHE A 22 13.23 21.56 7.23
N TYR A 23 13.27 21.38 8.55
CA TYR A 23 13.64 20.08 9.11
C TYR A 23 12.63 19.01 8.73
N CYS A 24 11.33 19.33 8.82
CA CYS A 24 10.32 18.35 8.47
C CYS A 24 10.41 17.96 7.00
N VAL A 25 10.65 18.93 6.12
CA VAL A 25 10.75 18.63 4.70
C VAL A 25 11.95 17.74 4.43
N TYR A 26 13.11 18.09 4.99
CA TYR A 26 14.31 17.30 4.75
C TYR A 26 14.16 15.89 5.31
N SER A 27 13.51 15.77 6.47
CA SER A 27 13.25 14.47 7.08
C SER A 27 12.37 13.62 6.18
N ALA A 28 11.18 14.14 5.82
CA ALA A 28 10.27 13.37 4.98
C ALA A 28 10.87 13.09 3.60
N THR A 29 11.88 13.86 3.20
CA THR A 29 12.55 13.59 1.93
C THR A 29 13.53 12.42 2.05
N LYS A 30 14.45 12.52 3.01
CA LYS A 30 15.54 11.54 3.07
C LYS A 30 15.04 10.13 3.32
N THR A 31 13.84 9.99 3.85
CA THR A 31 13.25 8.67 4.08
C THR A 31 12.15 8.34 3.07
N SER A 32 12.34 8.69 1.80
CA SER A 32 11.34 8.43 0.78
C SER A 32 12.04 8.19 -0.56
N VAL A 33 11.31 7.58 -1.49
CA VAL A 33 11.86 7.24 -2.80
C VAL A 33 11.48 8.28 -3.83
N SER A 34 10.18 8.47 -4.05
CA SER A 34 9.66 9.32 -5.11
C SER A 34 8.77 10.40 -4.54
N PHE A 35 8.53 11.43 -5.36
CA PHE A 35 7.74 12.60 -5.00
C PHE A 35 6.40 12.23 -4.38
N LEU A 36 5.74 11.21 -4.93
CA LEU A 36 4.44 10.83 -4.40
C LEU A 36 4.52 10.42 -2.94
N GLN A 37 5.55 9.64 -2.58
CA GLN A 37 5.66 9.17 -1.21
C GLN A 37 6.00 10.31 -0.26
N VAL A 38 6.87 11.24 -0.67
CA VAL A 38 7.19 12.35 0.22
C VAL A 38 5.99 13.27 0.35
N THR A 39 5.13 13.33 -0.66
CA THR A 39 3.87 14.03 -0.53
C THR A 39 2.98 13.38 0.53
N LEU A 40 2.77 12.06 0.40
CA LEU A 40 1.99 11.33 1.40
C LEU A 40 2.58 11.44 2.79
N LYS A 41 3.88 11.70 2.89
CA LYS A 41 4.51 11.85 4.20
C LYS A 41 4.36 13.27 4.74
N LEU A 42 4.39 14.28 3.87
CA LEU A 42 4.11 15.64 4.31
C LEU A 42 2.67 15.77 4.77
N ASN A 43 1.76 15.06 4.12
CA ASN A 43 0.36 15.09 4.54
C ASN A 43 0.12 14.45 5.90
N GLU A 44 1.15 13.88 6.53
CA GLU A 44 0.98 13.26 7.84
C GLU A 44 0.73 14.34 8.88
N GLY A 45 -0.03 13.96 9.92
CA GLY A 45 -0.57 14.87 10.92
C GLY A 45 0.34 15.96 11.45
N PHE A 46 1.44 15.58 12.08
CA PHE A 46 2.36 16.56 12.67
C PHE A 46 2.92 17.49 11.60
N ASN A 47 3.46 16.91 10.53
CA ASN A 47 3.98 17.73 9.44
C ASN A 47 2.88 18.53 8.76
N LEU A 48 1.66 18.00 8.72
CA LEU A 48 0.53 18.75 8.16
C LEU A 48 0.28 20.02 8.97
N MET A 49 0.21 19.88 10.30
CA MET A 49 -0.03 21.04 11.15
C MET A 49 1.13 22.03 11.06
N VAL A 50 2.36 21.54 10.98
CA VAL A 50 3.51 22.44 10.89
C VAL A 50 3.48 23.22 9.58
N LEU A 51 3.16 22.54 8.48
CA LEU A 51 3.07 23.21 7.19
C LEU A 51 1.92 24.22 7.18
N SER A 52 0.81 23.89 7.84
CA SER A 52 -0.29 24.84 7.92
C SER A 52 0.09 26.07 8.73
N ILE A 53 0.86 25.89 9.80
CA ILE A 53 1.37 27.02 10.56
C ILE A 53 2.24 27.90 9.68
N PHE A 54 3.13 27.28 8.90
CA PHE A 54 3.97 28.02 7.96
C PHE A 54 3.12 28.81 6.98
N ILE A 55 2.08 28.17 6.45
CA ILE A 55 1.21 28.83 5.47
C ILE A 55 0.53 30.04 6.10
N LEU A 56 0.02 29.87 7.32
CA LEU A 56 -0.64 30.98 8.00
C LEU A 56 0.33 32.14 8.23
N LEU A 57 1.54 31.83 8.70
CA LEU A 57 2.53 32.88 8.94
C LEU A 57 2.84 33.65 7.66
N ASN A 58 3.12 32.92 6.58
CA ASN A 58 3.45 33.58 5.33
C ASN A 58 2.28 34.38 4.78
N SER A 59 1.05 33.90 4.98
CA SER A 59 -0.11 34.63 4.49
C SER A 59 -0.32 35.92 5.26
N THR A 60 -0.18 35.87 6.60
CA THR A 60 -0.27 37.10 7.38
C THR A 60 0.80 38.10 6.98
N LEU A 61 2.03 37.64 6.76
CA LEU A 61 3.08 38.57 6.35
C LEU A 61 2.79 39.16 4.97
N LEU A 62 2.30 38.33 4.04
CA LEU A 62 1.94 38.82 2.72
C LEU A 62 0.85 39.88 2.80
N TRP A 63 -0.18 39.62 3.60
CA TRP A 63 -1.27 40.59 3.75
C TRP A 63 -0.79 41.86 4.42
N GLN A 64 0.11 41.74 5.39
CA GLN A 64 0.68 42.92 6.03
C GLN A 64 1.41 43.79 5.00
N LEU A 65 2.22 43.17 4.14
CA LEU A 65 2.93 43.94 3.13
C LEU A 65 1.98 44.51 2.09
N LEU A 66 0.94 43.76 1.72
CA LEU A 66 -0.05 44.28 0.78
C LEU A 66 -0.76 45.50 1.36
N THR A 67 -1.11 45.45 2.65
CA THR A 67 -1.69 46.61 3.31
C THR A 67 -0.74 47.79 3.30
N LYS A 68 0.51 47.56 3.73
CA LYS A 68 1.51 48.62 3.72
C LYS A 68 1.65 49.26 2.35
N LEU A 69 1.49 48.47 1.28
CA LEU A 69 1.54 49.03 -0.07
C LEU A 69 0.28 49.84 -0.38
N LEU A 70 -0.89 49.29 -0.07
CA LEU A 70 -2.14 49.89 -0.50
C LEU A 70 -2.49 51.13 0.31
N PHE A 71 -2.62 50.98 1.62
CA PHE A 71 -3.08 52.06 2.49
C PHE A 71 -1.96 52.77 3.22
N GLY A 72 -0.71 52.61 2.77
CA GLY A 72 0.42 53.26 3.42
C GLY A 72 0.56 52.85 4.87
N GLU A 73 0.26 53.77 5.78
CA GLU A 73 0.28 53.50 7.21
C GLU A 73 -1.07 53.86 7.81
N LEU A 74 -1.44 53.14 8.87
CA LEU A 74 -2.72 53.33 9.52
C LEU A 74 -2.61 54.35 10.65
N ARG A 75 -3.67 55.13 10.81
CA ARG A 75 -3.74 56.08 11.93
C ARG A 75 -4.18 55.33 13.18
N LEU A 76 -3.73 55.84 14.34
CA LEU A 76 -3.93 55.12 15.60
C LEU A 76 -5.40 54.85 15.88
N ILE A 77 -6.29 55.76 15.49
CA ILE A 77 -7.72 55.53 15.67
C ILE A 77 -8.17 54.28 14.93
N GLU A 78 -7.70 54.12 13.69
CA GLU A 78 -8.04 52.92 12.92
C GLU A 78 -7.56 51.66 13.62
N HIS A 79 -6.33 51.69 14.17
CA HIS A 79 -5.82 50.51 14.84
C HIS A 79 -6.60 50.18 16.10
N GLU A 80 -6.96 51.19 16.89
CA GLU A 80 -7.82 50.96 18.04
C GLU A 80 -9.13 50.30 17.59
N HIS A 81 -9.76 50.88 16.56
CA HIS A 81 -11.01 50.32 16.06
C HIS A 81 -10.86 48.85 15.68
N ILE A 82 -9.87 48.53 14.85
CA ILE A 82 -9.76 47.16 14.33
C ILE A 82 -9.42 46.19 15.46
N PHE A 83 -8.49 46.58 16.34
CA PHE A 83 -8.18 45.74 17.48
C PHE A 83 -9.41 45.47 18.33
N GLU A 84 -10.34 46.43 18.41
CA GLU A 84 -11.55 46.22 19.19
C GLU A 84 -12.53 45.31 18.45
N ARG A 85 -12.63 45.47 17.13
CA ARG A 85 -13.67 44.79 16.36
C ARG A 85 -13.32 43.36 15.96
N LEU A 86 -12.02 43.02 15.86
CA LEU A 86 -11.61 41.70 15.39
C LEU A 86 -12.29 40.53 16.08
N PRO A 87 -12.28 40.41 17.42
CA PRO A 87 -12.59 39.09 18.02
C PRO A 87 -13.98 38.56 17.70
N PHE A 88 -15.00 39.41 17.73
CA PHE A 88 -16.35 38.95 17.43
C PHE A 88 -16.43 38.36 16.02
N THR A 89 -15.82 39.03 15.05
CA THR A 89 -15.81 38.52 13.68
C THR A 89 -15.01 37.23 13.57
N ILE A 90 -13.87 37.15 14.27
CA ILE A 90 -13.09 35.92 14.25
C ILE A 90 -13.91 34.74 14.77
N ILE A 91 -14.65 34.97 15.86
CA ILE A 91 -15.50 33.92 16.40
C ILE A 91 -16.61 33.55 15.42
N ASN A 92 -17.23 34.55 14.79
CA ASN A 92 -18.28 34.27 13.81
C ASN A 92 -17.75 33.45 12.65
N THR A 93 -16.55 33.78 12.17
CA THR A 93 -15.96 33.02 11.07
C THR A 93 -15.58 31.61 11.49
N LEU A 94 -15.07 31.44 12.71
CA LEU A 94 -14.81 30.09 13.21
C LEU A 94 -16.11 29.29 13.31
N PHE A 95 -17.20 29.96 13.68
CA PHE A 95 -18.50 29.29 13.72
C PHE A 95 -18.95 28.87 12.32
N MET A 96 -18.74 29.74 11.33
CA MET A 96 -18.99 29.33 9.94
C MET A 96 -18.14 28.13 9.55
N SER A 97 -16.89 28.10 10.00
CA SER A 97 -16.01 26.98 9.68
C SER A 97 -16.51 25.68 10.31
N SER A 98 -16.95 25.74 11.56
CA SER A 98 -17.39 24.54 12.27
C SER A 98 -18.67 23.92 11.69
N LEU A 99 -19.30 24.59 10.73
CA LEU A 99 -20.53 24.04 10.16
C LEU A 99 -20.25 22.81 9.31
N PHE A 100 -19.12 22.80 8.59
CA PHE A 100 -18.74 21.70 7.73
C PHE A 100 -17.56 20.98 8.39
N HIS A 101 -17.49 19.66 8.23
CA HIS A 101 -16.49 18.83 8.95
C HIS A 101 -15.23 18.64 8.09
N GLU A 102 -14.56 17.49 8.28
CA GLU A 102 -13.28 17.16 7.59
C GLU A 102 -13.36 17.28 6.07
N ARG A 103 -14.53 16.97 5.49
CA ARG A 103 -14.75 17.06 4.03
C ARG A 103 -14.30 18.43 3.53
N TYR A 104 -14.89 19.52 4.06
CA TYR A 104 -14.52 20.86 3.62
C TYR A 104 -13.62 21.56 4.63
N PHE A 105 -12.43 21.00 4.88
CA PHE A 105 -11.57 21.55 5.92
C PHE A 105 -10.79 22.76 5.44
N PHE A 106 -10.21 22.68 4.24
CA PHE A 106 -9.21 23.67 3.83
C PHE A 106 -9.78 24.80 2.97
N THR A 107 -10.65 24.49 2.02
CA THR A 107 -11.21 25.52 1.17
C THR A 107 -12.04 26.52 1.96
N VAL A 108 -12.73 26.04 3.01
CA VAL A 108 -13.47 26.95 3.88
C VAL A 108 -12.52 27.91 4.57
N ALA A 109 -11.37 27.41 5.03
CA ALA A 109 -10.40 28.30 5.66
C ALA A 109 -9.84 29.30 4.68
N PHE A 110 -9.59 28.86 3.44
CA PHE A 110 -9.18 29.76 2.37
C PHE A 110 -10.15 30.94 2.24
N PHE A 111 -11.42 30.61 1.99
CA PHE A 111 -12.41 31.66 1.79
C PHE A 111 -12.63 32.48 3.05
N GLY A 112 -12.50 31.87 4.23
CA GLY A 112 -12.68 32.60 5.47
C GLY A 112 -11.58 33.64 5.68
N LEU A 113 -10.33 33.25 5.47
CA LEU A 113 -9.24 34.21 5.59
C LEU A 113 -9.35 35.30 4.55
N LEU A 114 -9.78 34.95 3.33
CA LEU A 114 -10.01 35.98 2.32
C LEU A 114 -11.07 36.97 2.78
N LEU A 115 -12.18 36.46 3.32
CA LEU A 115 -13.24 37.32 3.83
C LEU A 115 -12.74 38.20 4.98
N LEU A 116 -11.90 37.64 5.85
CA LEU A 116 -11.37 38.41 6.97
C LEU A 116 -10.52 39.57 6.49
N TYR A 117 -9.60 39.29 5.56
CA TYR A 117 -8.76 40.36 5.03
C TYR A 117 -9.60 41.42 4.31
N LEU A 118 -10.61 40.98 3.55
CA LEU A 118 -11.44 41.95 2.83
C LEU A 118 -12.28 42.79 3.80
N LYS A 119 -12.74 42.20 4.89
CA LYS A 119 -13.49 42.96 5.88
C LYS A 119 -12.59 44.00 6.55
N VAL A 120 -11.36 43.61 6.91
CA VAL A 120 -10.42 44.58 7.45
C VAL A 120 -10.19 45.71 6.47
N PHE A 121 -10.06 45.38 5.19
CA PHE A 121 -9.86 46.41 4.17
C PHE A 121 -11.06 47.35 4.09
N HIS A 122 -12.26 46.79 4.09
CA HIS A 122 -13.47 47.62 4.03
C HIS A 122 -13.55 48.56 5.24
N TRP A 123 -13.21 48.06 6.43
CA TRP A 123 -13.32 48.89 7.62
C TRP A 123 -12.29 50.02 7.61
N ILE A 124 -11.04 49.70 7.28
CA ILE A 124 -10.04 50.76 7.19
C ILE A 124 -10.38 51.73 6.07
N LEU A 125 -11.08 51.25 5.02
CA LEU A 125 -11.54 52.15 3.97
C LEU A 125 -12.57 53.14 4.49
N LYS A 126 -13.56 52.64 5.23
CA LYS A 126 -14.57 53.53 5.81
C LYS A 126 -13.94 54.55 6.74
N ASP A 127 -13.00 54.11 7.57
CA ASP A 127 -12.34 55.04 8.48
C ASP A 127 -11.50 56.06 7.72
N ARG A 128 -10.85 55.65 6.64
CA ARG A 128 -10.08 56.59 5.83
C ARG A 128 -10.99 57.62 5.16
N LEU A 129 -12.18 57.19 4.72
CA LEU A 129 -13.12 58.14 4.15
C LEU A 129 -13.58 59.15 5.21
N GLU A 130 -13.96 58.65 6.38
CA GLU A 130 -14.34 59.55 7.46
C GLU A 130 -13.22 60.52 7.84
N ALA A 131 -11.97 60.06 7.74
CA ALA A 131 -10.85 60.96 7.97
C ALA A 131 -10.79 62.03 6.88
N LEU A 132 -10.91 61.62 5.63
CA LEU A 132 -10.92 62.55 4.50
C LEU A 132 -12.00 63.62 4.66
N LEU A 133 -13.17 63.23 5.17
CA LEU A 133 -14.24 64.20 5.38
C LEU A 133 -13.88 65.19 6.49
N GLN A 134 -13.34 64.70 7.60
CA GLN A 134 -12.88 65.60 8.66
C GLN A 134 -11.73 66.46 8.15
N SER A 135 -10.77 65.85 7.48
CA SER A 135 -9.57 66.53 6.99
C SER A 135 -9.78 67.26 5.67
N ILE A 136 -11.03 67.53 5.25
CA ILE A 136 -11.26 68.21 3.98
C ILE A 136 -10.44 69.49 3.92
N ASN A 137 -9.85 69.74 2.76
CA ASN A 137 -9.03 70.93 2.53
C ASN A 137 -9.70 71.77 1.44
N ASP A 138 -10.28 72.89 1.84
CA ASP A 138 -11.00 73.76 0.92
C ASP A 138 -10.09 74.73 0.18
N SER A 139 -8.76 74.58 0.28
CA SER A 139 -7.87 75.41 -0.50
C SER A 139 -8.06 75.19 -2.00
N THR A 140 -8.29 73.95 -2.40
CA THR A 140 -8.63 73.60 -3.77
C THR A 140 -9.96 72.86 -3.76
N THR A 141 -10.65 72.87 -4.90
CA THR A 141 -11.82 72.02 -5.02
C THR A 141 -11.39 70.56 -5.03
N MET A 142 -12.33 69.69 -4.66
CA MET A 142 -12.03 68.26 -4.50
C MET A 142 -11.78 67.67 -5.89
N LYS A 143 -10.55 67.86 -6.36
CA LYS A 143 -10.17 67.60 -7.74
C LYS A 143 -10.56 66.18 -8.19
N THR A 144 -10.77 66.04 -9.49
CA THR A 144 -11.10 64.75 -10.08
C THR A 144 -10.07 63.68 -9.73
N LEU A 145 -8.81 64.07 -9.53
CA LEU A 145 -7.76 63.08 -9.26
C LEU A 145 -7.69 62.64 -7.80
N ILE A 146 -8.14 63.48 -6.86
CA ILE A 146 -8.18 63.06 -5.46
C ILE A 146 -9.31 62.07 -5.25
N PHE A 147 -10.52 62.44 -5.69
CA PHE A 147 -11.59 61.45 -5.80
C PHE A 147 -11.18 60.27 -6.66
N SER A 148 -10.29 60.48 -7.63
CA SER A 148 -9.83 59.36 -8.45
C SER A 148 -9.01 58.38 -7.63
N ARG A 149 -8.14 58.89 -6.75
CA ARG A 149 -7.38 58.02 -5.85
C ARG A 149 -8.32 57.26 -4.91
N PHE A 150 -9.22 57.97 -4.25
CA PHE A 150 -10.14 57.31 -3.33
C PHE A 150 -10.99 56.28 -4.06
N SER A 151 -11.50 56.63 -5.24
CA SER A 151 -12.28 55.70 -6.03
C SER A 151 -11.43 54.61 -6.65
N PHE A 152 -10.11 54.79 -6.76
CA PHE A 152 -9.24 53.70 -7.14
C PHE A 152 -9.23 52.63 -6.06
N ASN A 153 -9.09 53.07 -4.81
CA ASN A 153 -9.26 52.13 -3.70
C ASN A 153 -10.62 51.44 -3.77
N LEU A 154 -11.68 52.24 -3.94
CA LEU A 154 -13.04 51.71 -3.99
C LEU A 154 -13.19 50.67 -5.10
N VAL A 155 -12.76 51.00 -6.32
CA VAL A 155 -13.00 50.11 -7.45
C VAL A 155 -12.06 48.91 -7.39
N LEU A 156 -10.87 49.06 -6.81
CA LEU A 156 -10.04 47.90 -6.52
C LEU A 156 -10.84 46.87 -5.73
N LEU A 157 -11.32 47.27 -4.55
CA LEU A 157 -12.06 46.32 -3.73
C LEU A 157 -13.35 45.89 -4.42
N ALA A 158 -13.96 46.78 -5.20
CA ALA A 158 -15.21 46.48 -5.89
C ALA A 158 -15.01 45.36 -6.91
N VAL A 159 -14.03 45.51 -7.80
CA VAL A 159 -13.80 44.49 -8.81
C VAL A 159 -13.32 43.20 -8.16
N VAL A 160 -12.58 43.30 -7.05
CA VAL A 160 -12.19 42.08 -6.34
C VAL A 160 -13.43 41.29 -5.92
N ASP A 161 -14.29 41.90 -5.10
CA ASP A 161 -15.43 41.16 -4.59
C ASP A 161 -16.39 40.77 -5.72
N TYR A 162 -16.47 41.59 -6.77
CA TYR A 162 -17.37 41.29 -7.88
C TYR A 162 -16.89 40.07 -8.66
N GLN A 163 -15.59 40.04 -8.98
CA GLN A 163 -15.02 38.85 -9.59
C GLN A 163 -15.27 37.62 -8.74
N ILE A 164 -15.06 37.74 -7.42
CA ILE A 164 -15.26 36.60 -6.54
C ILE A 164 -16.70 36.10 -6.61
N ILE A 165 -17.66 37.01 -6.43
CA ILE A 165 -19.06 36.58 -6.36
C ILE A 165 -19.52 36.02 -7.69
N THR A 166 -19.12 36.65 -8.80
CA THR A 166 -19.52 36.16 -10.11
C THR A 166 -18.93 34.78 -10.39
N ARG A 167 -17.65 34.57 -10.06
CA ARG A 167 -17.05 33.25 -10.23
C ARG A 167 -17.74 32.22 -9.35
N CYS A 168 -18.15 32.62 -8.14
CA CYS A 168 -18.83 31.68 -7.26
C CYS A 168 -20.22 31.32 -7.77
N ILE A 169 -20.95 32.30 -8.30
CA ILE A 169 -22.26 31.99 -8.91
C ILE A 169 -22.08 31.09 -10.11
N SER A 170 -21.03 31.32 -10.91
CA SER A 170 -20.78 30.43 -12.04
C SER A 170 -20.44 29.02 -11.57
N SER A 171 -19.67 28.90 -10.49
CA SER A 171 -19.34 27.59 -9.94
C SER A 171 -20.57 26.88 -9.42
N ILE A 172 -21.47 27.63 -8.78
CA ILE A 172 -22.75 27.07 -8.33
C ILE A 172 -23.56 26.56 -9.52
N TYR A 173 -23.65 27.39 -10.56
CA TYR A 173 -24.49 27.05 -11.71
C TYR A 173 -23.95 25.82 -12.45
N THR A 174 -22.63 25.73 -12.60
CA THR A 174 -22.07 24.60 -13.32
C THR A 174 -22.09 23.34 -12.47
N ASN A 175 -22.11 23.48 -11.15
CA ASN A 175 -22.08 22.32 -10.25
C ASN A 175 -23.47 22.06 -9.69
N GLN A 176 -24.28 21.40 -10.50
CA GLN A 176 -25.58 20.87 -10.06
C GLN A 176 -25.45 19.40 -9.68
N LYS A 177 -24.57 19.15 -8.72
CA LYS A 177 -24.19 17.81 -8.32
C LYS A 177 -25.02 17.36 -7.11
N SER A 178 -24.76 16.12 -6.67
CA SER A 178 -25.31 15.64 -5.41
C SER A 178 -24.62 16.28 -4.21
N ASP A 179 -23.53 17.02 -4.44
CA ASP A 179 -22.79 17.69 -3.38
C ASP A 179 -23.42 19.04 -3.02
N ILE A 180 -24.66 18.96 -2.51
CA ILE A 180 -25.43 20.17 -2.20
C ILE A 180 -24.76 20.99 -1.11
N GLU A 181 -24.03 20.35 -0.19
CA GLU A 181 -23.36 21.09 0.86
C GLU A 181 -22.28 22.02 0.30
N SER A 182 -21.68 21.66 -0.83
CA SER A 182 -20.79 22.59 -1.51
C SER A 182 -21.54 23.81 -2.01
N THR A 183 -22.75 23.61 -2.54
CA THR A 183 -23.58 24.73 -2.94
C THR A 183 -23.91 25.64 -1.76
N SER A 184 -24.19 25.04 -0.60
CA SER A 184 -24.45 25.84 0.60
C SER A 184 -23.22 26.61 1.03
N LEU A 185 -22.05 25.97 0.98
CA LEU A 185 -20.80 26.67 1.30
C LEU A 185 -20.60 27.87 0.37
N TYR A 186 -20.78 27.66 -0.92
CA TYR A 186 -20.64 28.75 -1.87
C TYR A 186 -21.68 29.83 -1.61
N LEU A 187 -22.87 29.44 -1.14
CA LEU A 187 -23.88 30.43 -0.78
C LEU A 187 -23.44 31.27 0.41
N ILE A 188 -22.76 30.66 1.37
CA ILE A 188 -22.20 31.43 2.48
C ILE A 188 -21.19 32.44 1.97
N GLN A 189 -20.29 32.00 1.08
CA GLN A 189 -19.36 32.94 0.46
C GLN A 189 -20.09 34.08 -0.24
N VAL A 190 -21.18 33.78 -0.95
CA VAL A 190 -21.95 34.83 -1.62
C VAL A 190 -22.51 35.79 -0.59
N MET A 191 -23.11 35.28 0.48
CA MET A 191 -23.65 36.15 1.52
C MET A 191 -22.58 37.11 2.03
N GLU A 192 -21.42 36.57 2.40
CA GLU A 192 -20.37 37.41 2.98
C GLU A 192 -19.90 38.47 1.99
N PHE A 193 -19.48 38.04 0.80
CA PHE A 193 -18.89 38.98 -0.14
C PHE A 193 -19.92 39.96 -0.70
N THR A 194 -21.18 39.55 -0.83
CA THR A 194 -22.22 40.47 -1.27
C THR A 194 -22.55 41.48 -0.17
N MET A 195 -22.49 41.05 1.10
CA MET A 195 -22.62 42.00 2.20
C MET A 195 -21.54 43.06 2.07
N LEU A 196 -20.31 42.61 1.80
CA LEU A 196 -19.21 43.54 1.61
C LEU A 196 -19.49 44.49 0.45
N LEU A 197 -20.04 43.95 -0.65
CA LEU A 197 -20.36 44.78 -1.81
C LEU A 197 -21.43 45.82 -1.50
N ILE A 198 -22.45 45.44 -0.72
CA ILE A 198 -23.49 46.39 -0.34
C ILE A 198 -22.92 47.47 0.57
N ASP A 199 -22.01 47.10 1.47
CA ASP A 199 -21.32 48.11 2.27
C ASP A 199 -20.56 49.08 1.38
N LEU A 200 -19.85 48.55 0.37
CA LEU A 200 -19.14 49.41 -0.57
C LEU A 200 -20.10 50.31 -1.33
N LEU A 201 -21.27 49.79 -1.72
CA LEU A 201 -22.27 50.60 -2.41
C LEU A 201 -22.76 51.74 -1.51
N ASN A 202 -23.05 51.42 -0.25
CA ASN A 202 -23.42 52.43 0.73
C ASN A 202 -22.37 53.54 0.79
N LEU A 203 -21.10 53.14 0.93
CA LEU A 203 -20.03 54.13 1.02
C LEU A 203 -19.94 54.95 -0.25
N PHE A 204 -20.11 54.30 -1.41
CA PHE A 204 -20.08 54.98 -2.69
C PHE A 204 -21.15 56.05 -2.78
N LEU A 205 -22.40 55.69 -2.46
CA LEU A 205 -23.47 56.68 -2.54
C LEU A 205 -23.27 57.79 -1.52
N GLN A 206 -22.73 57.49 -0.34
CA GLN A 206 -22.51 58.56 0.63
C GLN A 206 -21.42 59.52 0.16
N THR A 207 -20.35 58.99 -0.44
CA THR A 207 -19.30 59.89 -0.91
C THR A 207 -19.73 60.67 -2.14
N CYS A 208 -20.58 60.10 -3.00
CA CYS A 208 -21.18 60.92 -4.06
C CYS A 208 -22.09 61.99 -3.50
N LEU A 209 -22.80 61.70 -2.41
CA LEU A 209 -23.59 62.71 -1.73
C LEU A 209 -22.72 63.87 -1.29
N ASN A 210 -21.63 63.56 -0.58
CA ASN A 210 -20.70 64.61 -0.15
C ASN A 210 -20.07 65.33 -1.33
N PHE A 211 -19.79 64.63 -2.42
CA PHE A 211 -19.22 65.27 -3.60
C PHE A 211 -20.18 66.27 -4.20
N TRP A 212 -21.45 65.90 -4.34
CA TRP A 212 -22.45 66.83 -4.87
C TRP A 212 -22.68 67.99 -3.90
N GLU A 213 -22.58 67.73 -2.60
CA GLU A 213 -22.67 68.81 -1.62
C GLU A 213 -21.56 69.83 -1.84
N PHE A 214 -20.31 69.37 -1.92
CA PHE A 214 -19.19 70.26 -2.19
C PHE A 214 -19.34 70.96 -3.54
N TYR A 215 -19.84 70.24 -4.54
CA TYR A 215 -20.10 70.75 -5.88
C TYR A 215 -21.00 71.97 -5.81
N ARG A 216 -22.19 71.81 -5.23
CA ARG A 216 -23.14 72.90 -5.16
C ARG A 216 -22.64 74.02 -4.26
N SER A 217 -21.99 73.67 -3.15
CA SER A 217 -21.53 74.68 -2.21
C SER A 217 -20.46 75.57 -2.82
N GLN A 218 -19.63 75.01 -3.70
CA GLN A 218 -18.62 75.82 -4.37
C GLN A 218 -19.22 76.57 -5.56
N GLN A 219 -20.09 75.90 -6.33
CA GLN A 219 -20.74 76.58 -7.45
C GLN A 219 -21.74 77.62 -6.97
N SER A 220 -22.75 77.18 -6.23
CA SER A 220 -23.80 78.08 -5.75
C SER A 220 -23.65 78.36 -4.26
N GLU A 265 -32.87 71.96 2.66
CA GLU A 265 -32.95 70.63 3.26
C GLU A 265 -31.65 70.28 3.97
N GLY A 266 -31.74 69.37 4.95
CA GLY A 266 -30.60 68.94 5.72
C GLY A 266 -30.03 67.66 5.17
N LYS A 267 -28.70 67.63 5.02
CA LYS A 267 -28.03 66.44 4.49
C LYS A 267 -28.30 65.21 5.37
N PHE A 268 -28.46 65.43 6.69
CA PHE A 268 -28.75 64.33 7.61
C PHE A 268 -29.88 63.45 7.09
N MET A 269 -30.92 64.08 6.53
CA MET A 269 -32.06 63.32 6.01
C MET A 269 -31.61 62.33 4.95
N TYR A 270 -30.81 62.79 3.99
CA TYR A 270 -30.40 61.91 2.90
C TYR A 270 -29.39 60.87 3.36
N GLU A 271 -28.47 61.24 4.25
CA GLU A 271 -27.56 60.24 4.83
C GLU A 271 -28.35 59.10 5.48
N LYS A 272 -29.32 59.45 6.32
CA LYS A 272 -30.11 58.42 6.99
C LYS A 272 -30.97 57.65 5.99
N ALA A 273 -31.42 58.31 4.92
CA ALA A 273 -32.18 57.62 3.88
C ALA A 273 -31.34 56.54 3.23
N ILE A 274 -30.10 56.87 2.85
CA ILE A 274 -29.21 55.86 2.27
C ILE A 274 -28.92 54.78 3.29
N ASP A 275 -28.78 55.14 4.57
CA ASP A 275 -28.58 54.13 5.61
C ASP A 275 -29.71 53.11 5.61
N VAL A 276 -30.95 53.59 5.68
CA VAL A 276 -32.12 52.70 5.68
C VAL A 276 -32.15 51.88 4.40
N PHE A 277 -31.85 52.50 3.25
CA PHE A 277 -31.85 51.79 1.98
C PHE A 277 -30.90 50.60 2.02
N THR A 278 -29.66 50.83 2.45
CA THR A 278 -28.68 49.75 2.44
C THR A 278 -29.00 48.68 3.48
N ARG A 279 -29.48 49.08 4.66
CA ARG A 279 -29.87 48.08 5.65
C ARG A 279 -31.03 47.23 5.14
N PHE A 280 -31.96 47.86 4.40
CA PHE A 280 -33.07 47.12 3.82
C PHE A 280 -32.58 46.12 2.78
N LEU A 281 -31.64 46.54 1.93
CA LEU A 281 -31.05 45.60 0.98
C LEU A 281 -30.38 44.43 1.69
N LYS A 282 -29.63 44.73 2.76
CA LYS A 282 -29.04 43.69 3.59
C LYS A 282 -30.09 42.69 4.03
N THR A 283 -31.14 43.19 4.69
CA THR A 283 -32.20 42.32 5.21
C THR A 283 -32.84 41.50 4.10
N ALA A 284 -33.12 42.12 2.95
CA ALA A 284 -33.79 41.42 1.86
C ALA A 284 -32.92 40.27 1.36
N LEU A 285 -31.64 40.54 1.11
CA LEU A 285 -30.75 39.48 0.65
C LEU A 285 -30.61 38.38 1.68
N HIS A 286 -30.49 38.73 2.96
CA HIS A 286 -30.33 37.73 4.00
C HIS A 286 -31.56 36.82 4.07
N LEU A 287 -32.75 37.41 4.03
CA LEU A 287 -33.96 36.60 3.97
C LEU A 287 -33.93 35.70 2.75
N SER A 288 -33.89 36.31 1.56
CA SER A 288 -34.01 35.56 0.31
C SER A 288 -32.98 34.45 0.17
N MET A 289 -31.86 34.53 0.89
CA MET A 289 -30.88 33.46 0.79
C MET A 289 -30.96 32.45 1.93
N LEU A 290 -31.08 32.91 3.18
CA LEU A 290 -31.03 32.00 4.31
C LEU A 290 -32.35 31.29 4.58
N ILE A 291 -33.47 31.79 4.07
CA ILE A 291 -34.73 31.06 4.22
C ILE A 291 -34.70 29.78 3.39
N PRO A 292 -34.24 29.78 2.14
CA PRO A 292 -34.09 28.51 1.42
C PRO A 292 -33.27 27.47 2.17
N PHE A 293 -32.15 27.88 2.78
CA PHE A 293 -31.28 26.91 3.44
C PHE A 293 -31.82 26.48 4.80
N ARG A 294 -32.71 27.29 5.39
CA ARG A 294 -33.29 26.99 6.70
C ARG A 294 -32.21 26.83 7.77
N MET A 295 -31.28 27.78 7.82
CA MET A 295 -30.14 27.66 8.72
C MET A 295 -30.60 27.75 10.18
N PRO A 296 -30.06 26.89 11.06
CA PRO A 296 -30.46 26.97 12.47
C PRO A 296 -29.97 28.22 13.19
N MET A 297 -28.73 28.64 12.95
CA MET A 297 -28.10 29.67 13.78
C MET A 297 -27.79 30.95 13.01
N MET A 298 -27.11 30.86 11.87
CA MET A 298 -26.81 32.06 11.09
C MET A 298 -28.09 32.81 10.74
N LEU A 299 -29.14 32.08 10.36
CA LEU A 299 -30.42 32.70 10.06
C LEU A 299 -30.94 33.51 11.25
N LEU A 300 -31.03 32.87 12.42
CA LEU A 300 -31.59 33.54 13.59
C LEU A 300 -30.74 34.73 14.01
N LYS A 301 -29.42 34.55 14.10
CA LYS A 301 -28.53 35.66 14.46
C LYS A 301 -28.68 36.82 13.49
N ASP A 302 -28.54 36.54 12.19
CA ASP A 302 -28.62 37.57 11.17
C ASP A 302 -29.94 38.32 11.25
N VAL A 303 -31.07 37.59 11.27
CA VAL A 303 -32.36 38.28 11.25
C VAL A 303 -32.65 38.99 12.56
N VAL A 304 -32.14 38.49 13.70
CA VAL A 304 -32.35 39.20 14.95
C VAL A 304 -31.61 40.53 14.94
N TRP A 305 -30.32 40.51 14.57
CA TRP A 305 -29.60 41.78 14.50
C TRP A 305 -30.16 42.66 13.39
N ASP A 306 -30.74 42.07 12.35
CA ASP A 306 -31.35 42.86 11.29
C ASP A 306 -32.61 43.56 11.77
N ILE A 307 -33.44 42.88 12.56
CA ILE A 307 -34.62 43.53 13.12
C ILE A 307 -34.24 44.56 14.18
N LEU A 308 -33.11 44.38 14.87
CA LEU A 308 -32.63 45.44 15.74
C LEU A 308 -32.17 46.65 14.93
N ALA A 309 -31.47 46.40 13.81
CA ALA A 309 -31.14 47.48 12.88
C ALA A 309 -32.38 48.14 12.32
N LEU A 310 -33.47 47.37 12.15
CA LEU A 310 -34.73 47.94 11.71
C LEU A 310 -35.40 48.77 12.80
N TYR A 311 -35.22 48.39 14.06
CA TYR A 311 -35.61 49.25 15.18
C TYR A 311 -34.89 50.59 15.09
N GLN A 312 -33.57 50.54 14.89
CA GLN A 312 -32.80 51.77 14.69
C GLN A 312 -33.27 52.54 13.46
N SER A 313 -33.66 51.82 12.40
CA SER A 313 -34.12 52.48 11.18
C SER A 313 -35.46 53.16 11.40
N GLY A 314 -36.33 52.54 12.19
CA GLY A 314 -37.59 53.19 12.53
C GLY A 314 -37.39 54.42 13.38
N THR A 315 -36.42 54.38 14.31
CA THR A 315 -36.11 55.58 15.07
C THR A 315 -35.59 56.69 14.16
N SER A 316 -34.70 56.34 13.22
CA SER A 316 -34.22 57.33 12.26
C SER A 316 -35.35 57.83 11.36
N LEU A 317 -36.32 56.96 11.07
CA LEU A 317 -37.48 57.37 10.29
C LEU A 317 -38.32 58.38 11.06
N TRP A 318 -38.41 58.21 12.38
CA TRP A 318 -39.08 59.22 13.19
C TRP A 318 -38.28 60.53 13.22
N LYS A 319 -36.95 60.44 13.25
CA LYS A 319 -36.12 61.62 13.07
C LYS A 319 -36.45 62.32 11.76
N ILE A 320 -36.63 61.54 10.69
CA ILE A 320 -36.98 62.11 9.39
C ILE A 320 -38.34 62.78 9.45
N TRP A 321 -39.32 62.12 10.06
CA TRP A 321 -40.65 62.69 10.22
C TRP A 321 -40.59 64.02 10.97
N ARG A 322 -39.73 64.10 11.98
CA ARG A 322 -39.52 65.39 12.66
C ARG A 322 -38.82 66.39 11.76
N ASN A 323 -37.97 65.91 10.85
CA ASN A 323 -37.27 66.77 9.91
C ASN A 323 -38.05 66.96 8.60
N ASN A 324 -39.17 66.26 8.43
CA ASN A 324 -39.99 66.34 7.23
C ASN A 324 -40.33 67.78 6.86
N PRO B 26 41.45 -42.46 1.43
CA PRO B 26 41.20 -41.56 2.56
C PRO B 26 39.74 -41.15 2.67
N TRP B 27 38.98 -41.33 1.58
CA TRP B 27 37.58 -40.93 1.58
C TRP B 27 36.73 -41.62 2.65
N PRO B 28 36.94 -42.90 3.00
CA PRO B 28 36.19 -43.45 4.15
C PRO B 28 36.41 -42.64 5.43
N GLU B 29 37.65 -42.29 5.73
CA GLU B 29 37.91 -41.42 6.87
C GLU B 29 37.28 -40.05 6.68
N ALA B 30 37.25 -39.55 5.45
CA ALA B 30 36.60 -38.28 5.18
C ALA B 30 35.12 -38.32 5.58
N ARG B 31 34.40 -39.35 5.12
CA ARG B 31 32.99 -39.50 5.48
C ARG B 31 32.82 -39.67 6.99
N HIS B 32 33.67 -40.49 7.61
CA HIS B 32 33.57 -40.70 9.05
C HIS B 32 33.77 -39.41 9.82
N LEU B 33 34.64 -38.52 9.32
CA LEU B 33 34.82 -37.23 9.97
C LEU B 33 33.62 -36.31 9.71
N LEU B 34 33.20 -36.19 8.44
CA LEU B 34 32.06 -35.36 8.09
C LEU B 34 30.78 -35.76 8.83
N ASN B 35 30.71 -37.00 9.33
CA ASN B 35 29.52 -37.46 10.03
C ASN B 35 29.18 -36.64 11.28
N THR B 36 30.05 -35.72 11.71
CA THR B 36 29.93 -35.11 13.02
C THR B 36 29.72 -33.60 13.01
N ILE B 37 29.36 -33.00 11.88
CA ILE B 37 29.33 -31.54 11.78
C ILE B 37 27.92 -30.96 11.59
N ALA B 38 26.92 -31.78 11.24
CA ALA B 38 25.55 -31.28 11.16
C ALA B 38 25.39 -30.17 10.13
N LYS B 39 25.41 -30.55 8.85
CA LYS B 39 25.70 -29.65 7.73
C LYS B 39 25.15 -28.24 7.92
N SER B 40 23.83 -28.12 8.07
CA SER B 40 23.19 -26.81 8.07
C SER B 40 22.18 -26.71 9.20
N ARG B 41 22.26 -25.60 9.94
CA ARG B 41 21.31 -25.32 11.01
C ARG B 41 20.28 -24.32 10.51
N ASP B 42 19.00 -24.67 10.64
CA ASP B 42 17.92 -23.80 10.21
C ASP B 42 17.27 -23.17 11.44
N PRO B 43 17.57 -21.90 11.73
CA PRO B 43 17.00 -21.28 12.93
C PRO B 43 15.48 -21.25 12.97
N MET B 44 14.80 -21.47 11.84
CA MET B 44 13.35 -21.57 11.89
C MET B 44 12.88 -22.79 12.66
N LYS B 45 13.71 -23.82 12.75
CA LYS B 45 13.36 -25.05 13.45
C LYS B 45 13.90 -25.11 14.87
N GLU B 46 15.14 -24.67 15.08
CA GLU B 46 15.73 -24.69 16.41
C GLU B 46 15.08 -23.66 17.33
N ALA B 47 14.46 -22.62 16.78
CA ALA B 47 13.75 -21.65 17.59
C ALA B 47 12.36 -22.12 17.99
N ALA B 48 12.03 -23.39 17.75
CA ALA B 48 10.75 -23.94 18.16
C ALA B 48 10.82 -24.67 19.49
N MET B 49 12.03 -24.88 20.02
CA MET B 49 12.17 -25.53 21.32
C MET B 49 11.68 -24.63 22.45
N GLU B 50 11.98 -23.35 22.36
CA GLU B 50 11.60 -22.39 23.40
C GLU B 50 10.25 -21.75 23.08
N VAL B 57 11.52 -11.16 14.45
CA VAL B 57 12.71 -10.49 13.95
C VAL B 57 12.80 -10.60 12.43
N GLY B 58 13.91 -10.15 11.87
CA GLY B 58 14.11 -10.15 10.43
C GLY B 58 15.54 -10.43 10.07
N PHE B 59 16.00 -9.81 8.99
CA PHE B 59 17.33 -10.08 8.43
C PHE B 59 17.91 -8.80 7.86
N TYR B 60 19.19 -8.86 7.50
CA TYR B 60 19.87 -7.79 6.79
C TYR B 60 20.09 -8.19 5.34
N VAL B 61 19.65 -7.36 4.42
CA VAL B 61 19.95 -7.55 3.00
C VAL B 61 20.97 -6.50 2.60
N PRO B 62 21.86 -6.78 1.66
CA PRO B 62 22.83 -5.78 1.21
C PRO B 62 22.28 -4.94 0.06
N MET B 63 23.01 -3.87 -0.23
CA MET B 63 22.60 -2.90 -1.25
C MET B 63 23.42 -2.98 -2.53
N ASP B 64 24.73 -3.20 -2.43
CA ASP B 64 25.60 -3.25 -3.60
C ASP B 64 26.58 -4.40 -3.43
N TYR B 65 27.54 -4.49 -4.35
CA TYR B 65 28.43 -5.64 -4.41
C TYR B 65 29.72 -5.24 -5.11
N SER B 66 30.81 -5.90 -4.72
CA SER B 66 32.11 -5.70 -5.35
C SER B 66 32.96 -6.96 -5.17
N PRO B 67 33.43 -7.57 -6.26
CA PRO B 67 34.16 -8.84 -6.13
C PRO B 67 35.42 -8.76 -5.27
N ARG B 68 36.13 -7.62 -5.31
CA ARG B 68 37.33 -7.50 -4.50
C ARG B 68 37.01 -7.58 -3.02
N ASN B 69 35.99 -6.85 -2.57
CA ASN B 69 35.57 -6.92 -1.17
C ASN B 69 35.17 -8.34 -0.78
N GLU B 70 34.48 -9.05 -1.68
CA GLU B 70 34.02 -10.40 -1.36
C GLU B 70 35.19 -11.36 -1.24
N GLU B 71 36.15 -11.30 -2.17
CA GLU B 71 37.30 -12.20 -2.08
C GLU B 71 38.17 -11.87 -0.88
N LYS B 72 38.26 -10.58 -0.50
CA LYS B 72 39.01 -10.25 0.71
C LYS B 72 38.30 -10.75 1.96
N ASN B 73 36.96 -10.67 1.98
CA ASN B 73 36.20 -11.26 3.08
C ASN B 73 36.43 -12.77 3.14
N TYR B 74 36.47 -13.41 1.98
CA TYR B 74 36.73 -14.85 1.90
C TYR B 74 38.10 -15.19 2.47
N GLN B 75 39.12 -14.40 2.11
CA GLN B 75 40.46 -14.60 2.63
C GLN B 75 40.50 -14.42 4.14
N SER B 76 39.85 -13.37 4.65
CA SER B 76 39.82 -13.14 6.09
C SER B 76 39.13 -14.29 6.81
N ILE B 77 38.03 -14.81 6.25
CA ILE B 77 37.33 -15.93 6.86
C ILE B 77 38.23 -17.15 6.92
N TRP B 78 38.91 -17.47 5.82
CA TRP B 78 39.85 -18.59 5.85
C TRP B 78 41.05 -18.35 6.76
N GLN B 79 41.40 -17.09 7.02
CA GLN B 79 42.59 -16.82 7.82
C GLN B 79 42.28 -16.89 9.31
N ASN B 80 41.11 -16.43 9.73
CA ASN B 80 40.88 -16.22 11.16
C ASN B 80 39.88 -17.18 11.79
N GLU B 81 38.87 -17.63 11.05
CA GLU B 81 37.73 -18.31 11.69
C GLU B 81 37.97 -19.81 11.81
N ILE B 82 38.41 -20.47 10.74
CA ILE B 82 38.31 -21.92 10.65
C ILE B 82 39.19 -22.59 11.70
N THR B 83 38.65 -23.66 12.31
CA THR B 83 39.39 -24.43 13.30
C THR B 83 40.28 -25.47 12.62
N ASP B 84 41.27 -25.95 13.38
CA ASP B 84 42.34 -26.76 12.79
C ASP B 84 41.82 -28.10 12.27
N SER B 85 40.87 -28.71 12.98
CA SER B 85 40.27 -29.95 12.48
C SER B 85 39.64 -29.73 11.11
N GLN B 86 38.99 -28.58 10.91
CA GLN B 86 38.40 -28.28 9.61
C GLN B 86 39.48 -28.05 8.56
N ARG B 87 40.61 -27.45 8.95
CA ARG B 87 41.76 -27.37 8.05
C ARG B 87 42.16 -28.76 7.56
N HIS B 88 42.38 -29.68 8.50
CA HIS B 88 42.76 -31.05 8.14
C HIS B 88 41.71 -31.69 7.23
N ILE B 89 40.43 -31.52 7.56
CA ILE B 89 39.37 -32.14 6.75
C ILE B 89 39.40 -31.57 5.34
N TYR B 90 39.49 -30.26 5.19
CA TYR B 90 39.49 -29.67 3.86
C TYR B 90 40.72 -30.07 3.06
N GLU B 91 41.88 -30.14 3.69
CA GLU B 91 43.08 -30.59 2.98
C GLU B 91 42.92 -32.02 2.51
N LEU B 92 42.38 -32.89 3.36
CA LEU B 92 42.13 -34.27 2.96
C LEU B 92 41.15 -34.33 1.79
N LEU B 93 40.11 -33.48 1.81
CA LEU B 93 39.16 -33.44 0.71
C LEU B 93 39.82 -33.01 -0.60
N VAL B 94 40.63 -31.96 -0.56
CA VAL B 94 41.33 -31.53 -1.77
C VAL B 94 42.22 -32.65 -2.30
N GLN B 95 43.00 -33.28 -1.41
CA GLN B 95 43.91 -34.33 -1.84
C GLN B 95 43.15 -35.50 -2.46
N SER B 96 42.06 -35.92 -1.82
CA SER B 96 41.29 -37.05 -2.33
C SER B 96 40.65 -36.72 -3.68
N SER B 97 40.00 -35.56 -3.79
CA SER B 97 39.32 -35.21 -5.02
C SER B 97 40.27 -34.77 -6.13
N GLU B 98 41.56 -34.55 -5.82
CA GLU B 98 42.53 -34.19 -6.85
C GLU B 98 43.35 -35.37 -7.33
N GLN B 99 43.91 -36.17 -6.41
CA GLN B 99 44.80 -37.25 -6.80
C GLN B 99 44.05 -38.32 -7.59
N PHE B 100 43.06 -38.94 -6.97
CA PHE B 100 42.25 -39.97 -7.62
C PHE B 100 40.95 -39.36 -8.11
N ASN B 101 40.46 -39.87 -9.24
CA ASN B 101 39.12 -39.51 -9.74
C ASN B 101 38.10 -40.24 -8.87
N ASN B 102 37.93 -39.73 -7.65
CA ASN B 102 37.07 -40.39 -6.67
C ASN B 102 35.59 -40.31 -7.04
N SER B 103 35.17 -39.24 -7.73
CA SER B 103 33.81 -39.04 -8.20
C SER B 103 32.77 -39.00 -7.07
N GLU B 104 33.21 -39.02 -5.81
CA GLU B 104 32.32 -38.81 -4.69
C GLU B 104 32.87 -37.85 -3.65
N ALA B 105 34.12 -37.42 -3.78
CA ALA B 105 34.63 -36.30 -3.01
C ALA B 105 34.47 -34.99 -3.77
N THR B 106 34.52 -35.05 -5.10
CA THR B 106 34.28 -33.88 -5.93
C THR B 106 32.87 -33.34 -5.72
N TYR B 107 31.87 -34.21 -5.84
CA TYR B 107 30.48 -33.78 -5.64
C TYR B 107 30.27 -33.20 -4.25
N THR B 108 30.79 -33.88 -3.23
CA THR B 108 30.59 -33.41 -1.87
C THR B 108 31.27 -32.07 -1.63
N LEU B 109 32.48 -31.88 -2.15
CA LEU B 109 33.16 -30.60 -1.95
C LEU B 109 32.49 -29.48 -2.73
N SER B 110 31.95 -29.81 -3.92
CA SER B 110 31.19 -28.84 -4.69
C SER B 110 29.94 -28.40 -3.91
N GLN B 111 29.22 -29.37 -3.35
CA GLN B 111 28.04 -29.02 -2.55
C GLN B 111 28.42 -28.19 -1.34
N ILE B 112 29.55 -28.50 -0.70
CA ILE B 112 30.04 -27.73 0.44
C ILE B 112 30.24 -26.28 0.02
N HIS B 113 31.06 -26.07 -1.01
CA HIS B 113 31.35 -24.70 -1.44
C HIS B 113 30.15 -23.99 -2.06
N LEU B 114 29.13 -24.71 -2.49
CA LEU B 114 27.98 -24.09 -3.14
C LEU B 114 26.88 -23.72 -2.17
N TRP B 115 26.41 -24.67 -1.35
CA TRP B 115 25.36 -24.38 -0.39
C TRP B 115 25.90 -23.86 0.94
N SER B 116 27.21 -23.66 1.06
CA SER B 116 27.85 -23.14 2.26
C SER B 116 27.40 -23.93 3.50
N GLN B 117 27.72 -25.22 3.47
CA GLN B 117 27.45 -26.13 4.57
C GLN B 117 28.75 -26.57 5.22
N TYR B 118 28.63 -27.11 6.43
CA TYR B 118 29.77 -27.44 7.28
C TYR B 118 30.59 -26.20 7.65
N ASN B 119 29.91 -25.07 7.85
CA ASN B 119 30.50 -23.83 8.33
C ASN B 119 31.49 -23.21 7.36
N PHE B 120 31.58 -23.71 6.14
CA PHE B 120 32.50 -23.20 5.14
C PHE B 120 31.86 -22.08 4.34
N PRO B 121 32.66 -21.18 3.79
CA PRO B 121 32.11 -20.02 3.08
C PRO B 121 31.74 -20.33 1.64
N HIS B 122 31.09 -19.36 1.01
CA HIS B 122 30.49 -19.53 -0.32
C HIS B 122 31.47 -19.12 -1.41
N ASN B 123 31.64 -20.00 -2.40
CA ASN B 123 32.35 -19.67 -3.63
C ASN B 123 31.53 -20.13 -4.81
N MET B 124 31.36 -19.24 -5.80
CA MET B 124 30.58 -19.55 -6.98
C MET B 124 31.42 -19.94 -8.18
N THR B 125 32.73 -19.74 -8.14
CA THR B 125 33.58 -20.15 -9.25
C THR B 125 34.18 -21.53 -9.00
N LEU B 126 34.58 -21.80 -7.77
CA LEU B 126 35.19 -23.10 -7.47
C LEU B 126 34.15 -24.20 -7.48
N ALA B 127 32.94 -23.89 -7.02
CA ALA B 127 31.84 -24.84 -7.16
C ALA B 127 31.56 -25.14 -8.62
N HIS B 128 31.67 -24.13 -9.49
CA HIS B 128 31.55 -24.36 -10.92
C HIS B 128 32.63 -25.31 -11.42
N LYS B 129 33.88 -25.05 -11.02
CA LYS B 129 35.00 -25.89 -11.42
C LYS B 129 34.76 -27.35 -11.02
N TYR B 130 34.36 -27.56 -9.77
CA TYR B 130 34.21 -28.93 -9.29
C TYR B 130 32.99 -29.62 -9.86
N LEU B 131 31.89 -28.89 -10.07
CA LEU B 131 30.74 -29.50 -10.75
C LEU B 131 31.08 -29.85 -12.19
N GLU B 132 31.91 -29.02 -12.84
CA GLU B 132 32.36 -29.35 -14.19
C GLU B 132 33.21 -30.61 -14.19
N LYS B 133 34.11 -30.75 -13.22
CA LYS B 133 34.90 -31.97 -13.12
C LYS B 133 34.02 -33.19 -12.88
N PHE B 134 33.03 -33.06 -11.99
CA PHE B 134 32.11 -34.17 -11.72
C PHE B 134 31.35 -34.56 -12.98
N ASN B 135 30.87 -33.57 -13.73
CA ASN B 135 30.14 -33.87 -14.96
C ASN B 135 31.05 -34.52 -15.99
N ASP B 136 32.33 -34.10 -16.04
CA ASP B 136 33.29 -34.77 -16.90
C ASP B 136 33.44 -36.23 -16.50
N LEU B 137 33.48 -36.50 -15.20
CA LEU B 137 33.64 -37.88 -14.73
C LEU B 137 32.43 -38.74 -15.06
N THR B 138 31.24 -38.31 -14.67
CA THR B 138 30.07 -39.17 -14.69
C THR B 138 29.28 -39.07 -16.00
N HIS B 139 29.91 -38.54 -17.06
CA HIS B 139 29.43 -38.65 -18.45
C HIS B 139 27.92 -38.50 -18.58
N PHE B 140 27.39 -37.41 -18.03
CA PHE B 140 25.98 -37.04 -18.20
C PHE B 140 25.05 -38.15 -17.71
N THR B 141 25.40 -38.75 -16.58
CA THR B 141 24.55 -39.75 -15.95
C THR B 141 23.84 -39.23 -14.70
N ASN B 142 24.34 -38.14 -14.12
CA ASN B 142 23.78 -37.55 -12.90
C ASN B 142 23.07 -36.26 -13.29
N HIS B 143 21.79 -36.15 -12.95
CA HIS B 143 20.99 -35.03 -13.44
C HIS B 143 20.94 -33.85 -12.48
N SER B 144 21.24 -34.05 -11.20
CA SER B 144 21.30 -32.92 -10.28
C SER B 144 22.39 -31.94 -10.67
N ALA B 145 23.60 -32.45 -10.92
CA ALA B 145 24.69 -31.60 -11.35
C ALA B 145 24.41 -30.98 -12.71
N ILE B 146 23.74 -31.71 -13.60
CA ILE B 146 23.38 -31.15 -14.90
C ILE B 146 22.40 -30.00 -14.75
N PHE B 147 21.41 -30.15 -13.87
CA PHE B 147 20.45 -29.09 -13.61
C PHE B 147 21.15 -27.86 -13.05
N ASP B 148 22.02 -28.05 -12.05
CA ASP B 148 22.73 -26.92 -11.47
C ASP B 148 23.62 -26.25 -12.51
N LEU B 149 24.26 -27.04 -13.38
CA LEU B 149 25.12 -26.47 -14.41
C LEU B 149 24.30 -25.70 -15.45
N ALA B 150 23.12 -26.20 -15.79
CA ALA B 150 22.25 -25.47 -16.71
C ALA B 150 21.81 -24.15 -16.11
N VAL B 151 21.50 -24.14 -14.82
CA VAL B 151 21.15 -22.89 -14.15
C VAL B 151 22.32 -21.91 -14.21
N MET B 152 23.52 -22.39 -13.84
CA MET B 152 24.70 -21.53 -13.84
C MET B 152 25.07 -21.05 -15.24
N TYR B 153 24.69 -21.79 -16.28
CA TYR B 153 24.95 -21.37 -17.65
C TYR B 153 23.86 -20.46 -18.20
N ALA B 154 22.67 -20.49 -17.61
CA ALA B 154 21.59 -19.61 -18.02
C ALA B 154 21.61 -18.25 -17.32
N THR B 155 22.03 -18.21 -16.05
CA THR B 155 22.12 -16.95 -15.32
C THR B 155 23.44 -16.22 -15.53
N GLY B 156 24.45 -16.90 -16.06
CA GLY B 156 25.71 -16.24 -16.37
C GLY B 156 26.46 -15.69 -15.16
N GLY B 157 26.33 -16.34 -14.01
CA GLY B 157 27.05 -15.90 -12.84
C GLY B 157 28.53 -16.14 -12.93
N CYS B 158 28.93 -17.41 -12.92
CA CYS B 158 30.34 -17.81 -13.02
C CYS B 158 31.22 -17.08 -12.02
N PRO B 168 29.87 -15.09 -19.43
CA PRO B 168 28.68 -14.64 -20.14
C PRO B 168 27.60 -15.71 -20.20
N GLN B 169 26.35 -15.29 -20.42
CA GLN B 169 25.23 -16.21 -20.50
C GLN B 169 25.03 -16.67 -21.93
N ASP B 170 24.75 -17.97 -22.10
CA ASP B 170 24.49 -18.57 -23.42
C ASP B 170 23.29 -19.48 -23.29
N SER B 171 22.18 -19.12 -23.94
CA SER B 171 20.93 -19.83 -23.73
C SER B 171 20.93 -21.21 -24.37
N ALA B 172 21.69 -21.41 -25.45
CA ALA B 172 21.62 -22.67 -26.18
C ALA B 172 22.19 -23.83 -25.35
N LYS B 173 23.33 -23.61 -24.70
CA LYS B 173 23.92 -24.66 -23.87
C LYS B 173 23.00 -24.99 -22.69
N ALA B 174 22.44 -23.96 -22.04
CA ALA B 174 21.52 -24.19 -20.95
C ALA B 174 20.28 -24.95 -21.41
N LEU B 175 19.79 -24.66 -22.61
CA LEU B 175 18.63 -25.37 -23.13
C LEU B 175 18.95 -26.83 -23.44
N LEU B 176 20.13 -27.08 -24.01
CA LEU B 176 20.58 -28.45 -24.23
C LEU B 176 20.66 -29.23 -22.92
N TYR B 177 21.22 -28.59 -21.89
CA TYR B 177 21.32 -29.25 -20.59
C TYR B 177 19.95 -29.49 -19.98
N TYR B 178 19.02 -28.54 -20.15
CA TYR B 178 17.66 -28.75 -19.69
C TYR B 178 17.03 -29.95 -20.36
N GLN B 179 17.17 -30.05 -21.69
CA GLN B 179 16.68 -31.23 -22.40
C GLN B 179 17.29 -32.51 -21.82
N ARG B 180 18.63 -32.53 -21.70
CA ARG B 180 19.32 -33.72 -21.23
C ARG B 180 18.83 -34.14 -19.84
N ALA B 181 18.71 -33.18 -18.91
CA ALA B 181 18.22 -33.49 -17.58
C ALA B 181 16.73 -33.82 -17.56
N ALA B 182 16.00 -33.45 -18.60
CA ALA B 182 14.61 -33.89 -18.70
C ALA B 182 14.52 -35.34 -19.13
N GLN B 183 15.41 -35.77 -20.03
CA GLN B 183 15.42 -37.17 -20.46
C GLN B 183 15.68 -38.11 -19.29
N LEU B 184 16.69 -37.80 -18.48
CA LEU B 184 17.10 -38.69 -17.39
C LEU B 184 16.00 -38.89 -16.35
N GLY B 185 15.00 -38.02 -16.31
CA GLY B 185 13.88 -38.23 -15.41
C GLY B 185 13.86 -37.31 -14.21
N ASN B 186 14.26 -36.05 -14.40
CA ASN B 186 14.14 -35.05 -13.35
C ASN B 186 12.83 -34.28 -13.53
N LEU B 187 12.19 -33.96 -12.41
CA LEU B 187 10.91 -33.26 -12.46
C LEU B 187 11.09 -31.77 -12.71
N LYS B 188 11.96 -31.13 -11.92
CA LYS B 188 12.16 -29.69 -12.03
C LYS B 188 12.64 -29.29 -13.42
N ALA B 189 13.42 -30.14 -14.07
CA ALA B 189 13.87 -29.82 -15.43
C ALA B 189 12.70 -29.82 -16.41
N LYS B 190 11.84 -30.84 -16.33
CA LYS B 190 10.65 -30.86 -17.15
C LYS B 190 9.77 -29.65 -16.85
N GLN B 191 9.69 -29.23 -15.58
CA GLN B 191 8.86 -28.09 -15.22
C GLN B 191 9.41 -26.79 -15.81
N VAL B 192 10.73 -26.59 -15.73
CA VAL B 192 11.29 -25.36 -16.26
C VAL B 192 11.17 -25.34 -17.78
N LEU B 193 11.29 -26.50 -18.43
CA LEU B 193 11.11 -26.52 -19.88
C LEU B 193 9.65 -26.24 -20.26
N ALA B 194 8.71 -26.82 -19.52
CA ALA B 194 7.30 -26.56 -19.77
C ALA B 194 6.97 -25.09 -19.59
N TYR B 195 7.46 -24.48 -18.51
CA TYR B 195 7.24 -23.05 -18.30
C TYR B 195 7.86 -22.23 -19.42
N LYS B 196 9.11 -22.51 -19.76
CA LYS B 196 9.77 -21.81 -20.86
C LYS B 196 9.02 -21.94 -22.17
N TYR B 197 8.28 -23.04 -22.36
CA TYR B 197 7.43 -23.20 -23.53
C TYR B 197 6.06 -22.55 -23.36
N TYR B 198 5.65 -22.27 -22.13
CA TYR B 198 4.32 -21.74 -21.86
C TYR B 198 4.25 -20.22 -21.82
N SER B 199 5.34 -19.55 -21.45
CA SER B 199 5.34 -18.11 -21.32
C SER B 199 5.90 -17.39 -22.54
N GLY B 200 6.65 -18.08 -23.39
CA GLY B 200 7.28 -17.45 -24.53
C GLY B 200 8.64 -16.85 -24.26
N PHE B 201 9.19 -17.05 -23.06
CA PHE B 201 10.52 -16.54 -22.75
C PHE B 201 11.57 -17.44 -23.38
N ASN B 202 12.47 -16.83 -24.16
CA ASN B 202 13.66 -17.42 -24.76
C ASN B 202 13.31 -18.36 -25.91
N VAL B 203 12.05 -18.71 -26.12
CA VAL B 203 11.63 -19.55 -27.25
C VAL B 203 10.27 -19.03 -27.72
N PRO B 204 9.82 -19.38 -28.91
CA PRO B 204 8.46 -18.99 -29.32
C PRO B 204 7.41 -19.62 -28.43
N ARG B 205 6.22 -19.01 -28.45
CA ARG B 205 5.11 -19.48 -27.63
C ARG B 205 4.54 -20.77 -28.24
N ASN B 206 4.17 -21.71 -27.37
CA ASN B 206 3.66 -23.00 -27.82
C ASN B 206 2.89 -23.61 -26.66
N PHE B 207 1.63 -23.94 -26.88
CA PHE B 207 0.77 -24.39 -25.79
C PHE B 207 0.66 -25.90 -25.69
N HIS B 208 0.80 -26.63 -26.81
CA HIS B 208 0.59 -28.07 -26.76
C HIS B 208 1.77 -28.79 -26.09
N LYS B 209 2.99 -28.33 -26.32
CA LYS B 209 4.14 -28.94 -25.68
C LYS B 209 4.10 -28.70 -24.17
N SER B 210 3.76 -27.47 -23.77
CA SER B 210 3.58 -27.17 -22.35
C SER B 210 2.47 -28.03 -21.75
N LEU B 211 1.38 -28.20 -22.49
CA LEU B 211 0.30 -29.07 -22.03
C LEU B 211 0.78 -30.49 -21.79
N VAL B 212 1.54 -31.04 -22.73
CA VAL B 212 2.03 -32.40 -22.59
C VAL B 212 2.94 -32.53 -21.37
N LEU B 213 3.88 -31.60 -21.23
CA LEU B 213 4.82 -31.66 -20.11
C LEU B 213 4.10 -31.51 -18.77
N TYR B 214 3.15 -30.57 -18.69
CA TYR B 214 2.40 -30.39 -17.46
C TYR B 214 1.55 -31.62 -17.14
N ARG B 215 0.99 -32.27 -18.16
CA ARG B 215 0.24 -33.50 -17.91
C ARG B 215 1.17 -34.58 -17.36
N ASP B 216 2.37 -34.69 -17.92
CA ASP B 216 3.33 -35.67 -17.42
C ASP B 216 3.66 -35.41 -15.95
N ILE B 217 3.99 -34.17 -15.61
CA ILE B 217 4.39 -33.87 -14.23
C ILE B 217 3.20 -34.01 -13.28
N ALA B 218 2.01 -33.62 -13.72
CA ALA B 218 0.83 -33.80 -12.88
C ALA B 218 0.55 -35.28 -12.63
N GLU B 219 0.75 -36.12 -13.65
CA GLU B 219 0.57 -37.55 -13.46
C GLU B 219 1.57 -38.10 -12.46
N GLN B 220 2.85 -37.73 -12.60
CA GLN B 220 3.85 -38.20 -11.65
C GLN B 220 3.54 -37.74 -10.24
N LEU B 221 3.12 -36.48 -10.08
CA LEU B 221 2.82 -35.97 -8.74
C LEU B 221 1.61 -36.66 -8.14
N ARG B 222 0.58 -36.92 -8.96
CA ARG B 222 -0.57 -37.68 -8.49
C ARG B 222 -0.19 -39.09 -8.07
N LYS B 223 0.73 -39.73 -8.78
CA LYS B 223 1.17 -41.07 -8.42
C LYS B 223 2.18 -41.08 -7.28
N SER B 224 2.74 -39.92 -6.92
CA SER B 224 3.65 -39.87 -5.78
C SER B 224 2.93 -39.83 -4.45
N TYR B 225 1.61 -39.68 -4.44
CA TYR B 225 0.83 -39.63 -3.22
C TYR B 225 0.17 -40.98 -2.96
N SER B 226 -0.03 -41.27 -1.67
CA SER B 226 -0.72 -42.48 -1.26
C SER B 226 -2.23 -42.33 -1.47
N ARG B 227 -2.99 -43.33 -1.01
CA ARG B 227 -4.44 -43.23 -1.09
C ARG B 227 -5.01 -42.44 0.08
N ASP B 228 -4.42 -42.60 1.27
CA ASP B 228 -4.93 -41.91 2.45
C ASP B 228 -4.62 -40.42 2.39
N GLU B 229 -3.42 -40.06 1.93
CA GLU B 229 -3.06 -38.65 1.82
C GLU B 229 -3.90 -37.93 0.77
N TRP B 230 -4.36 -38.64 -0.26
CA TRP B 230 -5.17 -38.03 -1.31
C TRP B 230 -6.63 -37.96 -0.91
N ASP B 231 -7.23 -39.09 -0.52
CA ASP B 231 -8.66 -39.13 -0.23
C ASP B 231 -8.96 -38.52 1.14
N ILE B 232 -8.30 -39.00 2.18
CA ILE B 232 -8.74 -38.69 3.55
C ILE B 232 -8.26 -37.30 3.97
N VAL B 233 -6.95 -37.11 4.02
CA VAL B 233 -6.40 -35.86 4.56
C VAL B 233 -5.09 -35.56 3.84
N PHE B 234 -4.94 -34.32 3.40
CA PHE B 234 -3.76 -33.85 2.69
C PHE B 234 -2.68 -33.44 3.67
N PRO B 235 -1.41 -33.76 3.41
CA PRO B 235 -0.35 -33.38 4.34
C PRO B 235 -0.18 -31.87 4.41
N TYR B 236 0.32 -31.39 5.53
CA TYR B 236 0.43 -29.97 5.81
C TYR B 236 1.91 -29.60 5.82
N TRP B 237 2.36 -28.99 4.73
CA TRP B 237 3.74 -28.52 4.60
C TRP B 237 3.76 -27.01 4.66
N GLU B 238 4.62 -26.47 5.52
CA GLU B 238 4.71 -25.03 5.70
C GLU B 238 5.25 -24.37 4.45
N SER B 239 4.49 -23.42 3.93
CA SER B 239 4.84 -22.72 2.70
C SER B 239 5.70 -21.50 3.01
N TYR B 240 6.78 -21.33 2.25
CA TYR B 240 7.59 -20.12 2.29
C TYR B 240 7.51 -19.39 0.95
N ASN B 241 6.34 -19.47 0.31
CA ASN B 241 6.14 -18.91 -1.02
C ASN B 241 5.99 -17.39 -1.02
N VAL B 242 6.27 -16.73 0.11
CA VAL B 242 6.17 -15.28 0.14
C VAL B 242 7.32 -14.65 -0.63
N ARG B 243 7.10 -13.43 -1.09
CA ARG B 243 8.17 -12.63 -1.67
C ARG B 243 8.87 -11.86 -0.57
N ILE B 244 10.20 -11.82 -0.63
CA ILE B 244 10.98 -11.05 0.32
C ILE B 244 10.67 -9.59 0.07
N SER B 245 11.08 -8.72 0.99
CA SER B 245 10.80 -7.28 0.92
C SER B 245 9.31 -7.00 1.03
N ASP B 246 8.60 -7.81 1.80
CA ASP B 246 7.30 -7.44 2.33
C ASP B 246 7.34 -7.37 3.86
N PHE B 247 8.36 -7.96 4.48
CA PHE B 247 8.64 -7.70 5.88
C PHE B 247 9.18 -6.28 6.06
N GLU B 248 9.90 -5.78 5.06
CA GLU B 248 10.37 -4.41 5.04
C GLU B 248 9.22 -3.50 4.59
N SER B 249 9.53 -2.25 4.26
CA SER B 249 8.53 -1.31 3.76
C SER B 249 7.69 -1.93 2.64
N GLY B 250 8.34 -2.33 1.56
CA GLY B 250 7.65 -2.86 0.42
C GLY B 250 8.44 -2.58 -0.84
N LEU B 251 7.78 -2.80 -1.98
CA LEU B 251 8.38 -2.55 -3.28
C LEU B 251 7.87 -1.22 -3.82
N LEU B 252 8.80 -0.37 -4.24
CA LEU B 252 8.49 0.96 -4.79
C LEU B 252 7.69 1.84 -3.81
N GLY B 253 8.03 1.76 -2.53
CA GLY B 253 7.38 2.56 -1.52
C GLY B 253 6.14 2.00 -0.83
N LYS B 254 5.98 2.40 0.43
CA LYS B 254 4.86 2.03 1.27
C LYS B 254 3.67 2.92 1.01
N GLY B 255 2.48 2.33 1.06
CA GLY B 255 1.25 3.07 0.80
C GLY B 255 1.14 3.56 -0.63
N LEU B 256 2.03 3.10 -1.49
CA LEU B 256 2.09 3.53 -2.87
C LEU B 256 1.97 2.39 -3.86
N ASN B 257 2.16 1.15 -3.43
CA ASN B 257 2.24 0.00 -4.32
C ASN B 257 0.86 -0.60 -4.54
N SER B 258 0.66 -1.16 -5.73
CA SER B 258 -0.67 -1.62 -6.13
C SER B 258 -0.98 -3.01 -5.58
N VAL B 259 -0.14 -3.98 -5.91
CA VAL B 259 -0.41 -5.38 -5.52
C VAL B 259 -0.35 -5.50 -4.00
N PRO B 260 -1.35 -6.11 -3.37
CA PRO B 260 -1.34 -6.20 -1.90
C PRO B 260 -0.24 -7.13 -1.40
N SER B 261 0.20 -6.86 -0.18
CA SER B 261 1.23 -7.67 0.45
C SER B 261 0.82 -9.13 0.51
N SER B 262 1.78 -10.03 0.33
CA SER B 262 1.53 -11.46 0.41
C SER B 262 2.39 -12.03 1.54
N THR B 263 1.87 -11.89 2.76
CA THR B 263 2.42 -12.55 3.96
C THR B 263 1.19 -13.08 4.71
N VAL B 264 0.79 -14.31 4.38
CA VAL B 264 -0.49 -14.81 4.86
C VAL B 264 -0.43 -15.10 6.36
N ARG B 265 0.72 -15.55 6.86
CA ARG B 265 0.87 -15.97 8.24
C ARG B 265 2.09 -15.31 8.86
N LYS B 266 1.88 -14.45 9.84
CA LYS B 266 2.97 -13.96 10.68
C LYS B 266 2.40 -13.57 12.04
N ARG B 267 2.43 -14.50 12.99
CA ARG B 267 2.09 -14.23 14.39
C ARG B 267 0.69 -13.63 14.53
N THR B 268 -0.31 -14.44 14.20
CA THR B 268 -1.69 -14.02 14.35
C THR B 268 -1.96 -13.63 15.81
N THR B 269 -2.85 -12.66 15.99
CA THR B 269 -3.10 -12.08 17.31
C THR B 269 -4.39 -11.28 17.26
N ARG B 270 -4.91 -10.98 18.44
CA ARG B 270 -6.11 -10.16 18.59
C ARG B 270 -6.16 -9.52 19.97
N ASP B 313 -10.13 -9.53 33.21
CA ASP B 313 -8.76 -9.31 32.72
C ASP B 313 -7.89 -10.49 33.11
N ALA B 314 -8.20 -11.11 34.25
CA ALA B 314 -7.49 -12.29 34.72
C ALA B 314 -8.23 -13.58 34.38
N SER B 315 -9.54 -13.60 34.57
CA SER B 315 -10.33 -14.78 34.18
C SER B 315 -10.47 -14.86 32.68
N GLU B 316 -10.88 -13.77 32.04
CA GLU B 316 -11.16 -13.79 30.60
C GLU B 316 -9.88 -14.01 29.80
N ARG B 317 -8.89 -13.14 29.96
CA ARG B 317 -7.72 -13.13 29.09
C ARG B 317 -6.93 -14.43 29.12
N ARG B 318 -7.12 -15.26 30.16
CA ARG B 318 -6.37 -16.51 30.23
C ARG B 318 -6.71 -17.44 29.07
N ILE B 319 -8.00 -17.59 28.77
CA ILE B 319 -8.40 -18.50 27.69
C ILE B 319 -7.99 -17.93 26.33
N ILE B 320 -8.03 -16.60 26.20
CA ILE B 320 -7.58 -15.98 24.95
C ILE B 320 -6.10 -16.27 24.73
N ARG B 321 -5.27 -16.01 25.75
CA ARG B 321 -3.84 -16.26 25.63
C ARG B 321 -3.55 -17.73 25.35
N ILE B 322 -4.28 -18.63 26.02
CA ILE B 322 -3.98 -20.04 25.86
C ILE B 322 -4.37 -20.50 24.45
N TYR B 323 -5.50 -20.02 23.92
CA TYR B 323 -5.89 -20.39 22.57
C TYR B 323 -4.91 -19.83 21.54
N TYR B 324 -4.46 -18.60 21.73
CA TYR B 324 -3.56 -18.01 20.75
C TYR B 324 -2.18 -18.64 20.80
N ALA B 325 -1.74 -19.08 21.98
CA ALA B 325 -0.51 -19.85 22.04
C ALA B 325 -0.66 -21.18 21.31
N ALA B 326 -1.79 -21.86 21.54
CA ALA B 326 -2.08 -23.10 20.81
C ALA B 326 -2.01 -22.88 19.30
N LEU B 327 -2.68 -21.84 18.81
CA LEU B 327 -2.71 -21.57 17.37
C LEU B 327 -1.31 -21.25 16.86
N ASN B 328 -0.66 -20.24 17.44
CA ASN B 328 0.68 -19.84 17.02
C ASN B 328 1.70 -20.97 17.16
N ASP B 329 1.38 -22.06 17.86
CA ASP B 329 2.24 -23.22 17.85
C ASP B 329 1.65 -24.41 17.09
N TYR B 330 0.51 -24.22 16.42
CA TYR B 330 0.01 -25.22 15.47
C TYR B 330 0.45 -24.90 14.04
N LYS B 331 0.06 -23.73 13.53
CA LYS B 331 0.51 -23.26 12.22
C LYS B 331 1.71 -22.34 12.42
N GLY B 332 2.90 -22.94 12.32
CA GLY B 332 4.13 -22.20 12.59
C GLY B 332 4.27 -20.96 11.73
N THR B 333 5.05 -20.02 12.24
CA THR B 333 5.29 -18.74 11.61
C THR B 333 6.52 -18.83 10.72
N TYR B 334 7.02 -17.68 10.25
CA TYR B 334 8.18 -17.64 9.38
C TYR B 334 9.48 -17.68 10.17
N SER B 335 9.55 -16.94 11.27
CA SER B 335 10.75 -16.96 12.09
C SER B 335 10.85 -18.23 12.92
N GLN B 336 9.72 -18.80 13.32
CA GLN B 336 9.68 -20.01 14.15
C GLN B 336 8.70 -21.00 13.55
N SER B 337 9.21 -22.17 13.16
CA SER B 337 8.35 -23.20 12.60
C SER B 337 7.43 -23.78 13.68
N ARG B 338 6.56 -24.68 13.27
CA ARG B 338 5.55 -25.23 14.15
C ARG B 338 6.16 -26.19 15.16
N ASN B 339 5.45 -26.36 16.27
CA ASN B 339 5.77 -27.37 17.29
C ASN B 339 4.46 -27.90 17.82
N CYS B 340 4.12 -29.13 17.46
CA CYS B 340 2.77 -29.65 17.64
C CYS B 340 2.57 -30.37 18.97
N GLU B 341 3.58 -31.07 19.47
CA GLU B 341 3.45 -31.79 20.74
C GLU B 341 3.10 -30.82 21.87
N ARG B 342 3.70 -29.64 21.85
CA ARG B 342 3.35 -28.62 22.85
C ARG B 342 1.88 -28.27 22.78
N ALA B 343 1.36 -28.10 21.55
CA ALA B 343 -0.05 -27.78 21.39
C ALA B 343 -0.93 -28.91 21.89
N LYS B 344 -0.56 -30.16 21.60
CA LYS B 344 -1.33 -31.31 22.07
C LYS B 344 -1.40 -31.34 23.59
N ASN B 345 -0.23 -31.22 24.24
CA ASN B 345 -0.19 -31.19 25.70
C ASN B 345 -1.05 -30.06 26.25
N LEU B 346 -0.89 -28.86 25.70
CA LEU B 346 -1.62 -27.70 26.19
C LEU B 346 -3.12 -27.90 26.04
N LEU B 347 -3.55 -28.43 24.90
CA LEU B 347 -4.98 -28.61 24.65
C LEU B 347 -5.58 -29.64 25.58
N GLU B 348 -4.92 -30.80 25.71
CA GLU B 348 -5.48 -31.82 26.60
C GLU B 348 -5.50 -31.33 28.04
N LEU B 349 -4.47 -30.60 28.47
CA LEU B 349 -4.43 -30.05 29.82
C LEU B 349 -5.59 -29.09 30.05
N THR B 350 -5.75 -28.10 29.17
CA THR B 350 -6.80 -27.11 29.38
C THR B 350 -8.18 -27.73 29.27
N TYR B 351 -8.36 -28.75 28.42
CA TYR B 351 -9.66 -29.41 28.34
C TYR B 351 -9.98 -30.15 29.63
N LYS B 352 -9.02 -30.95 30.11
CA LYS B 352 -9.26 -31.69 31.35
C LYS B 352 -9.46 -30.76 32.54
N GLU B 353 -8.84 -29.58 32.51
CA GLU B 353 -8.98 -28.63 33.61
C GLU B 353 -10.27 -27.82 33.54
N PHE B 354 -10.78 -27.52 32.34
CA PHE B 354 -11.95 -26.67 32.20
C PHE B 354 -13.25 -27.42 32.03
N GLN B 355 -13.22 -28.72 31.72
CA GLN B 355 -14.46 -29.46 31.48
C GLN B 355 -15.42 -29.49 32.66
N PRO B 356 -14.99 -29.69 33.92
CA PRO B 356 -15.98 -29.80 35.01
C PRO B 356 -16.93 -28.63 35.15
N HIS B 357 -16.46 -27.40 34.94
CA HIS B 357 -17.30 -26.23 35.22
C HIS B 357 -17.49 -25.33 34.00
N VAL B 358 -17.84 -25.93 32.85
CA VAL B 358 -17.99 -25.14 31.63
C VAL B 358 -19.22 -24.24 31.69
N ASP B 359 -20.21 -24.61 32.51
CA ASP B 359 -21.50 -23.93 32.46
C ASP B 359 -21.43 -22.47 32.90
N ASN B 360 -20.33 -22.05 33.52
CA ASN B 360 -20.22 -20.67 34.00
C ASN B 360 -19.59 -19.72 32.98
N LEU B 361 -19.20 -20.21 31.81
CA LEU B 361 -18.49 -19.42 30.81
C LEU B 361 -19.40 -19.01 29.66
N ASP B 362 -20.63 -18.63 29.98
CA ASP B 362 -21.61 -18.31 28.94
C ASP B 362 -21.21 -17.09 28.10
N PRO B 363 -20.85 -15.91 28.67
CA PRO B 363 -20.84 -14.68 27.86
C PRO B 363 -19.93 -14.71 26.64
N LEU B 364 -18.63 -14.91 26.84
CA LEU B 364 -17.69 -14.90 25.72
C LEU B 364 -16.74 -16.09 25.69
N GLN B 365 -16.36 -16.67 26.83
CA GLN B 365 -15.27 -17.63 26.86
C GLN B 365 -15.67 -18.97 26.25
N VAL B 366 -16.97 -19.24 26.16
CA VAL B 366 -17.41 -20.50 25.54
C VAL B 366 -16.97 -20.56 24.08
N PHE B 367 -16.94 -19.39 23.41
CA PHE B 367 -16.43 -19.30 22.05
C PHE B 367 -15.02 -19.87 21.95
N TYR B 368 -14.09 -19.30 22.71
CA TYR B 368 -12.70 -19.71 22.59
C TYR B 368 -12.49 -21.12 23.15
N TYR B 369 -13.26 -21.50 24.16
CA TYR B 369 -13.12 -22.86 24.68
C TYR B 369 -13.54 -23.89 23.66
N VAL B 370 -14.68 -23.67 22.98
CA VAL B 370 -15.11 -24.64 21.99
C VAL B 370 -14.20 -24.61 20.77
N ARG B 371 -13.61 -23.45 20.48
CA ARG B 371 -12.64 -23.39 19.39
C ARG B 371 -11.40 -24.22 19.71
N CYS B 372 -10.88 -24.09 20.94
CA CYS B 372 -9.79 -24.96 21.38
C CYS B 372 -10.20 -26.41 21.33
N LEU B 373 -11.43 -26.71 21.76
CA LEU B 373 -11.91 -28.08 21.79
C LEU B 373 -11.92 -28.68 20.38
N GLN B 374 -12.39 -27.90 19.40
CA GLN B 374 -12.40 -28.36 18.02
C GLN B 374 -10.98 -28.52 17.48
N LEU B 375 -10.08 -27.60 17.81
CA LEU B 375 -8.69 -27.73 17.38
C LEU B 375 -8.07 -29.01 17.92
N LEU B 376 -8.35 -29.33 19.19
CA LEU B 376 -7.80 -30.54 19.78
C LEU B 376 -8.43 -31.79 19.16
N GLY B 377 -9.73 -31.74 18.88
CA GLY B 377 -10.36 -32.86 18.18
C GLY B 377 -9.76 -33.11 16.82
N HIS B 378 -9.48 -32.03 16.08
CA HIS B 378 -8.83 -32.17 14.78
C HIS B 378 -7.42 -32.72 14.93
N MET B 379 -6.67 -32.24 15.93
CA MET B 379 -5.32 -32.76 16.15
C MET B 379 -5.34 -34.23 16.51
N TYR B 380 -6.39 -34.69 17.20
CA TYR B 380 -6.52 -36.13 17.46
C TYR B 380 -6.87 -36.89 16.18
N PHE B 381 -7.82 -36.38 15.40
CA PHE B 381 -8.25 -37.09 14.20
C PHE B 381 -7.11 -37.24 13.20
N THR B 382 -6.33 -36.19 12.97
CA THR B 382 -5.20 -36.32 12.06
C THR B 382 -4.09 -37.17 12.68
N GLY B 383 -3.70 -36.86 13.90
CA GLY B 383 -2.66 -37.59 14.58
C GLY B 383 -1.34 -36.85 14.72
N GLU B 384 -1.30 -35.56 14.40
CA GLU B 384 -0.08 -34.79 14.52
C GLU B 384 0.24 -34.54 15.99
N GLY B 385 1.54 -34.53 16.30
CA GLY B 385 1.97 -34.39 17.67
C GLY B 385 1.80 -35.61 18.53
N SER B 386 1.53 -36.77 17.92
CA SER B 386 1.31 -38.01 18.65
C SER B 386 1.84 -39.16 17.82
N SER B 387 1.60 -40.38 18.31
CA SER B 387 2.04 -41.57 17.57
C SER B 387 1.01 -41.96 16.51
N LYS B 388 -0.22 -42.22 16.92
CA LYS B 388 -1.25 -42.67 15.99
C LYS B 388 -2.55 -41.95 16.35
N PRO B 389 -3.50 -41.89 15.42
CA PRO B 389 -4.78 -41.23 15.72
C PRO B 389 -5.59 -42.02 16.73
N ASN B 390 -6.45 -41.29 17.45
CA ASN B 390 -7.39 -41.87 18.40
C ASN B 390 -8.79 -41.56 17.85
N ILE B 391 -9.30 -42.44 16.99
CA ILE B 391 -10.49 -42.12 16.21
C ILE B 391 -11.72 -42.00 17.12
N HIS B 392 -11.93 -42.97 18.00
CA HIS B 392 -13.15 -42.97 18.81
C HIS B 392 -13.15 -41.82 19.82
N MET B 393 -12.02 -41.62 20.51
CA MET B 393 -11.91 -40.48 21.42
C MET B 393 -12.12 -39.17 20.68
N ALA B 394 -11.55 -39.05 19.47
CA ALA B 394 -11.75 -37.85 18.67
C ALA B 394 -13.22 -37.64 18.35
N GLU B 395 -13.93 -38.71 17.99
CA GLU B 395 -15.35 -38.59 17.67
C GLU B 395 -16.14 -38.14 18.88
N GLU B 396 -15.88 -38.71 20.05
CA GLU B 396 -16.57 -38.28 21.26
C GLU B 396 -16.26 -36.82 21.57
N ILE B 397 -15.00 -36.42 21.45
CA ILE B 397 -14.61 -35.05 21.74
C ILE B 397 -15.29 -34.07 20.79
N LEU B 398 -15.35 -34.43 19.50
CA LEU B 398 -15.96 -33.53 18.53
C LEU B 398 -17.48 -33.45 18.70
N THR B 399 -18.14 -34.57 19.00
CA THR B 399 -19.58 -34.50 19.23
C THR B 399 -19.91 -33.74 20.51
N THR B 400 -19.02 -33.83 21.51
CA THR B 400 -19.18 -33.00 22.70
C THR B 400 -19.03 -31.53 22.35
N SER B 401 -18.05 -31.20 21.51
CA SER B 401 -17.88 -29.82 21.07
C SER B 401 -19.13 -29.32 20.35
N LEU B 402 -19.70 -30.16 19.49
CA LEU B 402 -20.89 -29.76 18.74
C LEU B 402 -22.09 -29.60 19.66
N GLU B 403 -22.21 -30.46 20.68
CA GLU B 403 -23.26 -30.31 21.67
C GLU B 403 -23.14 -28.97 22.39
N ILE B 404 -21.94 -28.67 22.90
CA ILE B 404 -21.70 -27.39 23.56
C ILE B 404 -21.98 -26.23 22.60
N SER B 405 -21.73 -26.42 21.32
CA SER B 405 -21.95 -25.37 20.34
C SER B 405 -23.43 -25.15 20.03
N ARG B 406 -24.25 -26.20 20.15
CA ARG B 406 -25.66 -26.08 19.83
C ARG B 406 -26.30 -24.92 20.59
N ARG B 407 -26.15 -24.91 21.92
CA ARG B 407 -26.49 -23.73 22.69
C ARG B 407 -25.35 -22.73 22.63
N ALA B 408 -25.69 -21.44 22.75
CA ALA B 408 -24.78 -20.31 22.54
C ALA B 408 -24.33 -20.19 21.10
N GLN B 409 -24.89 -20.98 20.19
CA GLN B 409 -24.69 -20.90 18.74
C GLN B 409 -23.23 -20.64 18.36
N GLY B 410 -22.37 -21.59 18.76
CA GLY B 410 -20.99 -21.55 18.37
C GLY B 410 -20.79 -21.98 16.92
N PRO B 411 -19.54 -21.87 16.45
CA PRO B 411 -19.22 -22.32 15.09
C PRO B 411 -19.09 -23.83 15.01
N ILE B 412 -19.38 -24.36 13.82
CA ILE B 412 -19.46 -25.80 13.63
C ILE B 412 -18.60 -26.27 12.46
N GLY B 413 -17.75 -25.38 11.93
CA GLY B 413 -17.06 -25.69 10.69
C GLY B 413 -16.12 -26.88 10.74
N ARG B 414 -15.02 -26.74 11.48
CA ARG B 414 -14.03 -27.82 11.51
C ARG B 414 -14.60 -29.09 12.11
N ALA B 415 -15.49 -28.96 13.11
CA ALA B 415 -16.05 -30.15 13.74
C ALA B 415 -16.91 -30.94 12.76
N CYS B 416 -17.82 -30.27 12.06
CA CYS B 416 -18.64 -30.96 11.07
C CYS B 416 -17.78 -31.54 9.95
N ILE B 417 -16.77 -30.77 9.50
CA ILE B 417 -15.90 -31.26 8.43
C ILE B 417 -15.22 -32.57 8.85
N ASP B 418 -14.62 -32.57 10.05
CA ASP B 418 -13.90 -33.76 10.49
C ASP B 418 -14.84 -34.93 10.76
N LEU B 419 -16.00 -34.66 11.38
CA LEU B 419 -16.96 -35.74 11.60
C LEU B 419 -17.41 -36.36 10.29
N GLY B 420 -17.68 -35.52 9.29
CA GLY B 420 -18.03 -36.05 7.98
C GLY B 420 -16.92 -36.90 7.39
N LEU B 421 -15.68 -36.40 7.47
CA LEU B 421 -14.54 -37.19 7.00
C LEU B 421 -14.45 -38.53 7.71
N ILE B 422 -14.82 -38.59 8.99
CA ILE B 422 -14.67 -39.83 9.74
C ILE B 422 -15.74 -40.84 9.35
N ASN B 423 -17.01 -40.50 9.55
CA ASN B 423 -18.08 -41.47 9.38
C ASN B 423 -18.33 -41.84 7.92
N GLN B 424 -17.59 -41.28 6.97
CA GLN B 424 -17.72 -41.68 5.58
C GLN B 424 -16.76 -42.82 5.21
N TYR B 425 -15.58 -42.84 5.83
CA TYR B 425 -14.57 -43.85 5.53
C TYR B 425 -14.29 -44.76 6.71
N ILE B 426 -14.14 -44.21 7.91
CA ILE B 426 -13.84 -45.03 9.08
C ILE B 426 -15.03 -45.91 9.43
N THR B 427 -16.17 -45.30 9.73
CA THR B 427 -17.42 -46.02 9.87
C THR B 427 -18.16 -46.02 8.53
N ASN B 428 -19.08 -46.97 8.39
CA ASN B 428 -19.75 -47.21 7.11
C ASN B 428 -21.18 -46.68 7.08
N ASN B 429 -21.42 -45.54 7.72
CA ASN B 429 -22.73 -44.88 7.68
C ASN B 429 -22.58 -43.60 6.87
N ILE B 430 -23.11 -43.62 5.64
CA ILE B 430 -22.86 -42.53 4.69
C ILE B 430 -23.87 -41.40 4.85
N SER B 431 -25.13 -41.72 5.13
CA SER B 431 -26.16 -40.68 5.21
C SER B 431 -25.84 -39.63 6.26
N GLN B 432 -25.27 -40.05 7.40
CA GLN B 432 -24.86 -39.08 8.41
C GLN B 432 -23.76 -38.16 7.88
N ALA B 433 -22.81 -38.72 7.12
CA ALA B 433 -21.78 -37.88 6.50
C ALA B 433 -22.39 -36.90 5.53
N ILE B 434 -23.38 -37.34 4.76
CA ILE B 434 -24.08 -36.45 3.82
C ILE B 434 -24.71 -35.30 4.59
N SER B 435 -25.44 -35.61 5.65
CA SER B 435 -26.07 -34.58 6.47
C SER B 435 -25.03 -33.60 7.01
N TYR B 436 -23.93 -34.12 7.55
CA TYR B 436 -22.87 -33.28 8.09
C TYR B 436 -22.33 -32.33 7.03
N TYR B 437 -21.96 -32.87 5.88
CA TYR B 437 -21.44 -32.03 4.79
C TYR B 437 -22.44 -30.97 4.38
N MET B 438 -23.70 -31.36 4.17
CA MET B 438 -24.72 -30.38 3.79
C MET B 438 -24.86 -29.28 4.84
N LYS B 439 -24.65 -29.61 6.11
CA LYS B 439 -24.60 -28.57 7.14
C LYS B 439 -23.31 -27.77 7.07
N ALA B 440 -22.26 -28.31 6.45
CA ALA B 440 -20.95 -27.67 6.45
C ALA B 440 -20.62 -26.87 5.20
N MET B 441 -21.37 -27.05 4.11
CA MET B 441 -21.02 -26.40 2.85
C MET B 441 -20.93 -24.88 2.99
N LYS B 442 -21.91 -24.27 3.64
CA LYS B 442 -22.01 -22.81 3.69
C LYS B 442 -21.11 -22.19 4.75
N THR B 443 -20.34 -23.00 5.48
CA THR B 443 -19.47 -22.46 6.50
C THR B 443 -18.27 -21.75 5.87
N GLN B 444 -17.60 -20.94 6.70
CA GLN B 444 -16.41 -20.21 6.27
C GLN B 444 -15.14 -21.04 6.38
N ALA B 445 -15.10 -22.01 7.30
CA ALA B 445 -13.85 -22.71 7.59
C ALA B 445 -13.45 -23.68 6.47
N ASN B 446 -14.40 -24.20 5.71
CA ASN B 446 -14.04 -25.15 4.66
C ASN B 446 -13.32 -24.45 3.52
N ASN B 447 -12.35 -25.15 2.93
CA ASN B 447 -11.75 -24.62 1.71
C ASN B 447 -12.31 -25.34 0.49
N GLY B 448 -12.05 -26.65 0.38
CA GLY B 448 -12.55 -27.40 -0.76
C GLY B 448 -13.01 -28.81 -0.43
N ILE B 449 -12.80 -29.24 0.81
CA ILE B 449 -13.00 -30.64 1.16
C ILE B 449 -14.44 -31.05 0.96
N VAL B 450 -15.38 -30.18 1.33
CA VAL B 450 -16.80 -30.54 1.30
C VAL B 450 -17.24 -30.90 -0.12
N GLU B 451 -17.06 -29.96 -1.04
CA GLU B 451 -17.46 -30.19 -2.43
C GLU B 451 -16.69 -31.35 -3.04
N PHE B 452 -15.43 -31.53 -2.66
CA PHE B 452 -14.64 -32.65 -3.17
C PHE B 452 -15.29 -33.98 -2.80
N GLN B 453 -15.53 -34.19 -1.51
CA GLN B 453 -16.16 -35.44 -1.08
C GLN B 453 -17.55 -35.60 -1.66
N LEU B 454 -18.31 -34.50 -1.76
CA LEU B 454 -19.65 -34.57 -2.33
C LEU B 454 -19.62 -35.02 -3.78
N SER B 455 -18.69 -34.47 -4.56
CA SER B 455 -18.59 -34.86 -5.96
C SER B 455 -18.15 -36.31 -6.09
N LYS B 456 -17.19 -36.74 -5.27
CA LYS B 456 -16.74 -38.12 -5.34
C LYS B 456 -17.88 -39.09 -5.01
N LEU B 457 -18.66 -38.79 -3.97
CA LEU B 457 -19.78 -39.65 -3.61
C LEU B 457 -20.84 -39.65 -4.69
N ALA B 458 -21.23 -38.47 -5.18
CA ALA B 458 -22.21 -38.39 -6.26
C ALA B 458 -21.76 -39.20 -7.47
N THR B 459 -20.45 -39.20 -7.75
CA THR B 459 -19.92 -40.06 -8.81
C THR B 459 -20.07 -41.53 -8.44
N SER B 460 -19.89 -41.86 -7.16
CA SER B 460 -20.02 -43.25 -6.74
C SER B 460 -21.48 -43.66 -6.56
N PHE B 461 -22.33 -42.74 -6.11
CA PHE B 461 -23.75 -43.01 -5.87
C PHE B 461 -24.59 -41.96 -6.58
N PRO B 462 -25.06 -42.23 -7.80
CA PRO B 462 -25.86 -41.23 -8.52
C PRO B 462 -27.27 -41.03 -8.01
N GLU B 463 -27.75 -41.90 -7.12
CA GLU B 463 -29.12 -41.79 -6.62
C GLU B 463 -29.24 -40.89 -5.38
N GLU B 464 -28.21 -40.11 -5.06
CA GLU B 464 -28.27 -39.27 -3.87
C GLU B 464 -28.94 -37.93 -4.15
N LYS B 465 -28.95 -37.49 -5.41
CA LYS B 465 -29.46 -36.17 -5.79
C LYS B 465 -28.75 -35.07 -5.02
N ILE B 466 -27.42 -35.04 -5.13
CA ILE B 466 -26.60 -34.05 -4.44
C ILE B 466 -25.78 -33.25 -5.45
N GLY B 467 -26.30 -32.08 -5.83
CA GLY B 467 -25.62 -31.19 -6.74
C GLY B 467 -25.27 -31.84 -8.07
N ASP B 468 -24.33 -31.20 -8.77
CA ASP B 468 -23.82 -31.69 -10.04
C ASP B 468 -22.31 -31.92 -9.93
N PRO B 469 -21.80 -33.06 -10.38
CA PRO B 469 -20.36 -33.34 -10.23
C PRO B 469 -19.46 -32.27 -10.82
N PHE B 470 -19.75 -31.84 -12.05
CA PHE B 470 -18.97 -30.77 -12.67
C PHE B 470 -19.05 -29.50 -11.83
N ASN B 471 -20.25 -29.14 -11.40
CA ASN B 471 -20.41 -27.92 -10.61
C ASN B 471 -19.68 -28.01 -9.27
N LEU B 472 -19.77 -29.17 -8.60
CA LEU B 472 -19.09 -29.34 -7.32
C LEU B 472 -17.58 -29.24 -7.47
N MET B 473 -17.02 -30.03 -8.40
CA MET B 473 -15.59 -29.95 -8.65
C MET B 473 -15.16 -28.55 -9.08
N GLU B 474 -16.04 -27.84 -9.80
CA GLU B 474 -15.73 -26.48 -10.23
C GLU B 474 -15.61 -25.55 -9.03
N THR B 475 -16.62 -25.57 -8.16
CA THR B 475 -16.56 -24.75 -6.95
C THR B 475 -15.34 -25.10 -6.12
N ALA B 476 -15.01 -26.40 -6.02
CA ALA B 476 -13.84 -26.83 -5.27
C ALA B 476 -12.56 -26.22 -5.84
N TYR B 477 -12.33 -26.41 -7.14
CA TYR B 477 -11.18 -25.80 -7.80
C TYR B 477 -11.14 -24.29 -7.57
N LEU B 478 -12.28 -23.61 -7.74
CA LEU B 478 -12.30 -22.16 -7.55
C LEU B 478 -11.90 -21.77 -6.14
N ASN B 479 -12.25 -22.57 -5.13
CA ASN B 479 -11.96 -22.20 -3.76
C ASN B 479 -10.48 -22.27 -3.41
N GLY B 480 -9.76 -23.29 -3.89
CA GLY B 480 -8.32 -23.34 -3.65
C GLY B 480 -7.78 -24.63 -3.09
N PHE B 481 -8.55 -25.72 -3.18
CA PHE B 481 -8.12 -27.01 -2.67
C PHE B 481 -7.31 -27.73 -3.73
N ILE B 482 -6.16 -28.26 -3.32
CA ILE B 482 -5.14 -28.75 -4.26
C ILE B 482 -5.62 -29.93 -5.08
N PRO B 483 -5.99 -31.08 -4.49
CA PRO B 483 -6.38 -32.23 -5.35
C PRO B 483 -7.54 -31.93 -6.27
N ALA B 484 -8.42 -31.01 -5.87
CA ALA B 484 -9.54 -30.64 -6.73
C ALA B 484 -9.07 -30.02 -8.03
N ILE B 485 -7.95 -29.28 -7.99
CA ILE B 485 -7.40 -28.71 -9.22
C ILE B 485 -7.11 -29.81 -10.24
N TYR B 486 -6.40 -30.85 -9.80
CA TYR B 486 -6.03 -31.94 -10.70
C TYR B 486 -7.26 -32.71 -11.16
N GLU B 487 -8.18 -33.00 -10.24
CA GLU B 487 -9.37 -33.74 -10.62
C GLU B 487 -10.22 -32.94 -11.62
N PHE B 488 -10.29 -31.62 -11.45
CA PHE B 488 -11.07 -30.80 -12.38
C PHE B 488 -10.37 -30.70 -13.72
N ALA B 489 -9.04 -30.64 -13.72
CA ALA B 489 -8.31 -30.67 -14.99
C ALA B 489 -8.59 -31.96 -15.75
N VAL B 490 -8.51 -33.09 -15.06
CA VAL B 490 -8.80 -34.38 -15.70
C VAL B 490 -10.23 -34.40 -16.22
N MET B 491 -11.18 -33.91 -15.41
CA MET B 491 -12.58 -33.93 -15.81
C MET B 491 -12.84 -33.07 -17.04
N ILE B 492 -12.27 -31.86 -17.06
CA ILE B 492 -12.48 -30.98 -18.20
C ILE B 492 -11.70 -31.42 -19.43
N GLU B 493 -10.66 -32.26 -19.24
CA GLU B 493 -9.98 -32.83 -20.39
C GLU B 493 -10.72 -34.05 -20.93
N SER B 494 -11.49 -34.73 -20.08
CA SER B 494 -12.24 -35.89 -20.52
C SER B 494 -13.40 -35.53 -21.44
N GLY B 495 -14.01 -34.37 -21.24
CA GLY B 495 -15.14 -33.96 -22.05
C GLY B 495 -14.99 -32.56 -22.61
N ASN B 497 -17.50 -30.75 -25.10
CA ASN B 497 -16.51 -29.69 -25.21
C ASN B 497 -16.26 -29.02 -23.87
N SER B 498 -17.28 -28.32 -23.36
CA SER B 498 -17.18 -27.59 -22.09
C SER B 498 -16.02 -26.61 -22.08
N LYS B 499 -15.75 -26.01 -23.25
CA LYS B 499 -14.68 -25.03 -23.43
C LYS B 499 -13.34 -25.66 -23.06
N SER B 500 -13.01 -26.77 -23.72
CA SER B 500 -11.78 -27.51 -23.44
C SER B 500 -10.65 -27.06 -24.36
N SER B 501 -10.41 -25.75 -24.36
CA SER B 501 -9.30 -25.20 -25.13
C SER B 501 -7.97 -25.62 -24.51
N VAL B 502 -6.88 -25.21 -25.15
CA VAL B 502 -5.56 -25.59 -24.65
C VAL B 502 -5.10 -24.63 -23.56
N GLU B 503 -5.54 -23.37 -23.63
CA GLU B 503 -5.07 -22.37 -22.67
C GLU B 503 -5.58 -22.69 -21.26
N ASN B 504 -6.88 -22.93 -21.12
CA ASN B 504 -7.44 -23.20 -19.80
C ASN B 504 -6.86 -24.47 -19.20
N THR B 505 -6.67 -25.52 -20.01
CA THR B 505 -6.14 -26.77 -19.50
C THR B 505 -4.68 -26.62 -19.07
N ALA B 506 -3.88 -25.95 -19.91
CA ALA B 506 -2.50 -25.64 -19.53
C ALA B 506 -2.47 -24.85 -18.22
N TYR B 507 -3.37 -23.88 -18.07
CA TYR B 507 -3.40 -23.06 -16.86
C TYR B 507 -3.74 -23.92 -15.64
N LEU B 508 -4.73 -24.80 -15.76
CA LEU B 508 -5.09 -25.68 -14.66
C LEU B 508 -3.92 -26.54 -14.23
N PHE B 509 -3.27 -27.20 -15.20
CA PHE B 509 -2.16 -28.09 -14.86
C PHE B 509 -0.99 -27.31 -14.26
N LYS B 510 -0.72 -26.11 -14.79
CA LYS B 510 0.33 -25.29 -14.21
C LYS B 510 0.00 -24.88 -12.79
N THR B 511 -1.27 -24.54 -12.55
CA THR B 511 -1.69 -24.18 -11.20
C THR B 511 -1.43 -25.32 -10.23
N PHE B 512 -1.83 -26.54 -10.62
CA PHE B 512 -1.56 -27.70 -9.76
C PHE B 512 -0.07 -27.85 -9.50
N VAL B 513 0.72 -27.97 -10.58
CA VAL B 513 2.15 -28.23 -10.44
C VAL B 513 2.81 -27.17 -9.56
N ASP B 514 2.45 -25.91 -9.78
CA ASP B 514 3.02 -24.84 -8.97
C ASP B 514 2.55 -24.89 -7.51
N LYS B 515 1.30 -25.27 -7.27
CA LYS B 515 0.69 -25.10 -5.96
C LYS B 515 0.83 -26.31 -5.06
N ASN B 516 1.35 -27.44 -5.56
CA ASN B 516 1.65 -28.53 -4.64
C ASN B 516 2.84 -28.16 -3.76
N GLU B 517 3.90 -27.63 -4.37
CA GLU B 517 4.96 -26.87 -3.71
C GLU B 517 5.74 -27.69 -2.67
N ALA B 518 5.35 -28.94 -2.42
CA ALA B 518 6.01 -29.74 -1.41
C ALA B 518 7.17 -30.57 -1.96
N ILE B 519 7.24 -30.76 -3.27
CA ILE B 519 8.32 -31.51 -3.92
C ILE B 519 9.09 -30.62 -4.88
N MET B 520 8.39 -29.75 -5.61
CA MET B 520 9.02 -28.93 -6.63
C MET B 520 9.68 -27.68 -6.06
N ALA B 521 9.29 -27.23 -4.89
CA ALA B 521 9.84 -26.01 -4.29
C ALA B 521 10.25 -26.24 -2.84
N PRO B 522 11.14 -27.19 -2.57
CA PRO B 522 11.61 -27.37 -1.18
C PRO B 522 12.73 -26.41 -0.84
N LYS B 523 13.35 -25.83 -1.88
CA LYS B 523 14.50 -24.96 -1.70
C LYS B 523 14.14 -23.58 -1.16
N LEU B 524 12.86 -23.23 -1.09
CA LEU B 524 12.49 -21.96 -0.49
C LEU B 524 12.80 -21.95 1.01
N ARG B 525 12.53 -23.06 1.68
CA ARG B 525 12.90 -23.22 3.08
C ARG B 525 14.40 -23.02 3.27
N THR B 526 15.21 -23.73 2.47
CA THR B 526 16.66 -23.61 2.55
C THR B 526 17.11 -22.19 2.29
N ALA B 527 16.49 -21.53 1.31
CA ALA B 527 16.86 -20.16 0.97
C ALA B 527 16.61 -19.22 2.14
N PHE B 528 15.40 -19.28 2.71
CA PHE B 528 15.08 -18.43 3.85
C PHE B 528 16.01 -18.71 5.02
N ALA B 529 16.28 -19.99 5.30
CA ALA B 529 17.17 -20.35 6.39
C ALA B 529 18.55 -19.74 6.20
N ALA B 530 19.16 -19.99 5.04
CA ALA B 530 20.47 -19.41 4.75
C ALA B 530 20.42 -17.89 4.74
N LEU B 531 19.25 -17.32 4.50
CA LEU B 531 19.12 -15.86 4.44
C LEU B 531 19.07 -15.22 5.82
N ILE B 532 18.51 -15.89 6.81
CA ILE B 532 18.40 -15.29 8.14
C ILE B 532 19.58 -15.68 9.04
N ASN B 533 20.67 -16.18 8.46
CA ASN B 533 21.90 -16.38 9.21
C ASN B 533 23.10 -15.72 8.53
N ASP B 534 22.89 -14.58 7.87
CA ASP B 534 23.88 -13.67 7.29
C ASP B 534 24.53 -14.19 6.01
N ARG B 535 24.25 -15.42 5.58
CA ARG B 535 24.74 -15.92 4.30
C ARG B 535 23.78 -15.46 3.21
N SER B 536 24.08 -14.32 2.60
CA SER B 536 23.15 -13.69 1.67
C SER B 536 23.29 -14.21 0.24
N GLU B 537 24.52 -14.46 -0.22
CA GLU B 537 24.73 -14.84 -1.61
C GLU B 537 24.08 -16.17 -1.94
N VAL B 538 24.18 -17.15 -1.03
CA VAL B 538 23.58 -18.46 -1.27
C VAL B 538 22.06 -18.34 -1.39
N ALA B 539 21.46 -17.39 -0.67
CA ALA B 539 20.03 -17.14 -0.84
C ALA B 539 19.73 -16.61 -2.23
N LEU B 540 20.57 -15.70 -2.74
CA LEU B 540 20.42 -15.24 -4.10
C LEU B 540 20.55 -16.39 -5.09
N TRP B 541 21.43 -17.34 -4.79
CA TRP B 541 21.60 -18.49 -5.69
C TRP B 541 20.37 -19.38 -5.70
N ALA B 542 19.85 -19.72 -4.52
CA ALA B 542 18.66 -20.55 -4.44
C ALA B 542 17.48 -19.87 -5.12
N TYR B 543 17.34 -18.55 -4.93
CA TYR B 543 16.24 -17.84 -5.55
C TYR B 543 16.41 -17.75 -7.06
N SER B 544 17.66 -17.62 -7.54
CA SER B 544 17.90 -17.65 -8.97
C SER B 544 17.56 -19.03 -9.55
N GLN B 545 17.82 -20.09 -8.79
CA GLN B 545 17.47 -21.43 -9.25
C GLN B 545 15.96 -21.62 -9.30
N LEU B 546 15.23 -21.07 -8.34
CA LEU B 546 13.78 -21.18 -8.33
C LEU B 546 13.11 -20.20 -9.29
N ALA B 547 13.82 -19.18 -9.75
CA ALA B 547 13.25 -18.25 -10.73
C ALA B 547 12.88 -18.96 -12.02
N GLU B 548 13.83 -19.71 -12.59
CA GLU B 548 13.62 -20.36 -13.88
C GLU B 548 12.36 -21.21 -13.93
N GLN B 549 11.96 -21.81 -12.81
CA GLN B 549 10.77 -22.66 -12.83
C GLN B 549 9.48 -21.88 -12.97
N GLY B 550 9.48 -20.61 -12.58
CA GLY B 550 8.31 -19.78 -12.77
C GLY B 550 7.64 -19.35 -11.48
N TYR B 551 8.32 -19.56 -10.36
CA TYR B 551 7.79 -19.15 -9.06
C TYR B 551 7.99 -17.65 -8.92
N GLU B 552 6.99 -16.89 -9.36
CA GLU B 552 7.03 -15.43 -9.40
C GLU B 552 7.64 -14.81 -8.16
N THR B 553 7.22 -15.27 -6.98
CA THR B 553 7.75 -14.72 -5.73
C THR B 553 9.26 -14.91 -5.64
N ALA B 554 9.77 -16.07 -6.06
CA ALA B 554 11.21 -16.27 -6.08
C ALA B 554 11.89 -15.34 -7.09
N GLN B 555 11.22 -15.07 -8.22
CA GLN B 555 11.77 -14.15 -9.20
C GLN B 555 11.95 -12.76 -8.59
N VAL B 556 10.87 -12.20 -8.04
CA VAL B 556 10.95 -10.85 -7.49
C VAL B 556 11.86 -10.81 -6.27
N SER B 557 12.02 -11.94 -5.57
CA SER B 557 12.93 -11.95 -4.44
C SER B 557 14.39 -11.90 -4.88
N ALA B 558 14.77 -12.75 -5.84
CA ALA B 558 16.13 -12.67 -6.38
C ALA B 558 16.40 -11.29 -6.96
N ALA B 559 15.41 -10.72 -7.64
CA ALA B 559 15.52 -9.37 -8.17
C ALA B 559 15.81 -8.36 -7.06
N TYR B 560 14.98 -8.35 -6.01
CA TYR B 560 15.20 -7.42 -4.91
C TYR B 560 16.58 -7.61 -4.28
N LEU B 561 17.06 -8.85 -4.18
CA LEU B 561 18.40 -9.05 -3.64
C LEU B 561 19.49 -8.61 -4.61
N MET B 562 19.17 -8.45 -5.88
CA MET B 562 20.18 -7.99 -6.84
C MET B 562 20.17 -6.49 -7.08
N TYR B 563 19.01 -5.84 -6.97
CA TYR B 563 18.94 -4.39 -7.16
C TYR B 563 17.72 -3.84 -6.43
N GLN B 564 17.94 -2.87 -5.57
CA GLN B 564 16.87 -2.23 -4.82
C GLN B 564 16.69 -0.79 -5.30
N LEU B 565 15.55 -0.20 -4.94
CA LEU B 565 15.30 1.18 -5.30
C LEU B 565 15.99 2.11 -4.31
N PRO B 566 16.84 3.02 -4.77
CA PRO B 566 17.62 3.86 -3.85
C PRO B 566 16.82 5.05 -3.34
N TYR B 567 17.04 5.37 -2.07
CA TYR B 567 16.40 6.53 -1.46
C TYR B 567 16.80 7.80 -2.20
N GLU B 568 15.97 8.83 -2.06
CA GLU B 568 16.13 10.03 -2.88
C GLU B 568 17.31 10.86 -2.39
N PHE B 569 17.94 11.56 -3.35
CA PHE B 569 19.17 12.31 -3.10
C PHE B 569 20.25 11.40 -2.51
N GLU B 570 20.51 10.30 -3.20
CA GLU B 570 21.50 9.34 -2.76
C GLU B 570 22.11 8.64 -3.98
N ASP B 571 23.39 8.30 -3.86
CA ASP B 571 24.08 7.62 -4.95
C ASP B 571 23.42 6.28 -5.26
N PRO B 572 23.32 5.93 -6.54
CA PRO B 572 22.73 4.64 -6.91
C PRO B 572 23.68 3.50 -6.61
N PRO B 573 23.17 2.27 -6.52
CA PRO B 573 24.03 1.13 -6.18
C PRO B 573 25.19 0.97 -7.16
N ARG B 574 26.20 0.22 -6.73
CA ARG B 574 27.44 0.05 -7.48
C ARG B 574 27.60 -1.37 -8.01
N THR B 575 26.51 -2.09 -8.23
CA THR B 575 26.59 -3.45 -8.74
C THR B 575 27.13 -3.49 -10.16
N THR B 576 27.71 -4.63 -10.53
CA THR B 576 28.23 -4.82 -11.86
C THR B 576 27.11 -4.81 -12.89
N ASP B 577 27.49 -4.73 -14.16
CA ASP B 577 26.52 -4.60 -15.24
C ASP B 577 25.67 -5.86 -15.37
N GLN B 578 26.29 -7.03 -15.24
CA GLN B 578 25.55 -8.29 -15.37
C GLN B 578 24.47 -8.40 -14.31
N ARG B 579 24.76 -7.94 -13.10
CA ARG B 579 23.76 -7.95 -12.04
C ARG B 579 22.50 -7.21 -12.47
N LYS B 580 22.66 -5.99 -12.97
CA LYS B 580 21.51 -5.21 -13.40
C LYS B 580 20.82 -5.84 -14.60
N THR B 581 21.59 -6.32 -15.58
CA THR B 581 20.97 -6.87 -16.78
C THR B 581 20.24 -8.17 -16.50
N LEU B 582 20.54 -8.83 -15.39
CA LEU B 582 19.75 -10.01 -14.99
C LEU B 582 18.55 -9.60 -14.14
N ALA B 583 18.74 -8.64 -13.23
CA ALA B 583 17.62 -8.12 -12.45
C ALA B 583 16.53 -7.57 -13.36
N ILE B 584 16.90 -6.97 -14.48
CA ILE B 584 15.90 -6.45 -15.42
C ILE B 584 15.07 -7.58 -15.99
N SER B 585 15.71 -8.68 -16.39
CA SER B 585 14.97 -9.81 -16.93
C SER B 585 14.05 -10.41 -15.88
N TYR B 586 14.53 -10.53 -14.65
CA TYR B 586 13.68 -11.09 -13.59
C TYR B 586 12.48 -10.19 -13.32
N TYR B 587 12.71 -8.87 -13.23
CA TYR B 587 11.61 -7.92 -13.08
C TYR B 587 10.60 -8.04 -14.23
N THR B 588 11.09 -8.15 -15.47
CA THR B 588 10.19 -8.19 -16.62
C THR B 588 9.34 -9.44 -16.59
N ARG B 589 9.94 -10.58 -16.27
CA ARG B 589 9.16 -11.81 -16.18
C ARG B 589 8.20 -11.78 -15.00
N ALA B 590 8.60 -11.17 -13.89
CA ALA B 590 7.68 -11.02 -12.76
C ALA B 590 6.48 -10.18 -13.16
N PHE B 591 6.71 -9.12 -13.94
CA PHE B 591 5.62 -8.28 -14.42
C PHE B 591 4.69 -9.08 -15.33
N LYS B 592 5.24 -9.66 -16.40
CA LYS B 592 4.42 -10.43 -17.32
C LYS B 592 3.70 -11.59 -16.64
N GLN B 593 4.19 -12.04 -15.48
CA GLN B 593 3.51 -13.10 -14.75
C GLN B 593 2.21 -12.63 -14.11
N GLY B 594 2.06 -11.33 -13.87
CA GLY B 594 0.86 -10.82 -13.23
C GLY B 594 1.10 -9.68 -12.28
N ASN B 595 2.32 -9.58 -11.76
CA ASN B 595 2.67 -8.49 -10.86
C ASN B 595 2.82 -7.19 -11.64
N ILE B 596 2.57 -6.08 -10.94
CA ILE B 596 2.57 -4.78 -11.59
C ILE B 596 3.81 -3.99 -11.20
N ASP B 597 4.10 -3.94 -9.90
CA ASP B 597 5.18 -3.10 -9.39
C ASP B 597 6.52 -3.40 -10.06
N ALA B 598 6.73 -4.65 -10.48
CA ALA B 598 7.97 -4.99 -11.18
C ALA B 598 8.12 -4.19 -12.47
N GLY B 599 7.00 -3.88 -13.13
CA GLY B 599 7.06 -3.00 -14.29
C GLY B 599 7.66 -1.65 -13.97
N VAL B 600 7.11 -0.99 -12.93
CA VAL B 600 7.62 0.33 -12.54
C VAL B 600 9.07 0.25 -12.14
N VAL B 601 9.46 -0.82 -11.43
CA VAL B 601 10.83 -0.88 -10.95
C VAL B 601 11.80 -1.12 -12.11
N ALA B 602 11.41 -1.96 -13.09
CA ALA B 602 12.25 -2.15 -14.26
C ALA B 602 12.35 -0.88 -15.09
N GLY B 603 11.23 -0.16 -15.21
CA GLY B 603 11.29 1.16 -15.83
C GLY B 603 12.28 2.07 -15.14
N ASP B 604 12.32 2.03 -13.81
CA ASP B 604 13.29 2.83 -13.08
C ASP B 604 14.71 2.36 -13.35
N ILE B 605 14.91 1.05 -13.47
CA ILE B 605 16.24 0.53 -13.78
C ILE B 605 16.71 1.07 -15.12
N TYR B 606 15.83 1.08 -16.11
CA TYR B 606 16.19 1.61 -17.43
C TYR B 606 16.43 3.11 -17.37
N PHE B 607 15.56 3.84 -16.67
CA PHE B 607 15.73 5.28 -16.47
C PHE B 607 17.11 5.59 -15.90
N GLN B 608 17.53 4.82 -14.89
CA GLN B 608 18.88 4.98 -14.37
C GLN B 608 19.93 4.60 -15.41
N MET B 609 19.67 3.53 -16.17
CA MET B 609 20.57 3.08 -17.21
C MET B 609 20.61 4.02 -18.40
N GLN B 610 19.81 5.09 -18.39
CA GLN B 610 19.76 6.09 -19.46
C GLN B 610 19.33 5.48 -20.79
N ASN B 611 18.20 4.77 -20.80
CA ASN B 611 17.68 4.25 -22.06
C ASN B 611 16.61 5.17 -22.63
N TYR B 612 15.56 5.44 -21.85
CA TYR B 612 14.47 6.35 -22.20
C TYR B 612 13.63 5.83 -23.35
N SER B 613 14.01 4.69 -23.92
CA SER B 613 13.31 4.10 -25.05
C SER B 613 12.42 2.94 -24.65
N LYS B 614 12.99 1.94 -23.98
CA LYS B 614 12.22 0.78 -23.52
C LYS B 614 11.55 1.03 -22.18
N ALA B 615 11.84 2.15 -21.52
CA ALA B 615 11.21 2.46 -20.25
C ALA B 615 9.73 2.80 -20.45
N MET B 616 9.46 3.79 -21.31
CA MET B 616 8.08 4.21 -21.55
C MET B 616 7.19 3.05 -21.96
N ALA B 617 7.76 2.03 -22.61
CA ALA B 617 6.98 0.85 -22.98
C ALA B 617 6.39 0.18 -21.74
N LEU B 618 7.25 -0.23 -20.80
CA LEU B 618 6.79 -0.83 -19.56
C LEU B 618 5.89 0.12 -18.78
N TYR B 619 6.26 1.41 -18.77
CA TYR B 619 5.45 2.40 -18.06
C TYR B 619 4.02 2.41 -18.57
N GLN B 620 3.84 2.43 -19.89
CA GLN B 620 2.49 2.42 -20.45
C GLN B 620 1.80 1.09 -20.21
N GLY B 621 2.53 -0.02 -20.36
CA GLY B 621 1.97 -1.33 -20.10
C GLY B 621 1.46 -1.49 -18.68
N ALA B 622 2.07 -0.79 -17.72
CA ALA B 622 1.59 -0.81 -16.34
C ALA B 622 0.50 0.23 -16.10
N ALA B 623 0.59 1.39 -16.78
CA ALA B 623 -0.42 2.42 -16.62
C ALA B 623 -1.78 1.94 -17.11
N LEU B 624 -1.80 1.14 -18.18
CA LEU B 624 -3.05 0.53 -18.63
C LEU B 624 -3.69 -0.32 -17.54
N LYS B 625 -2.94 -0.68 -16.50
CA LYS B 625 -3.46 -1.41 -15.35
C LYS B 625 -3.61 -0.52 -14.12
N TYR B 626 -3.68 0.79 -14.33
CA TYR B 626 -4.02 1.75 -13.27
C TYR B 626 -3.01 1.73 -12.11
N SER B 627 -1.77 2.06 -12.41
CA SER B 627 -0.75 2.28 -11.40
C SER B 627 -0.47 3.78 -11.29
N ILE B 628 -0.44 4.27 -10.04
CA ILE B 628 -0.33 5.70 -9.78
C ILE B 628 1.07 6.19 -10.13
N GLN B 629 2.09 5.63 -9.48
CA GLN B 629 3.46 6.05 -9.74
C GLN B 629 3.83 5.87 -11.20
N ALA B 630 3.33 4.82 -11.84
CA ALA B 630 3.59 4.64 -13.27
C ALA B 630 3.10 5.83 -14.08
N ILE B 631 1.85 6.25 -13.84
CA ILE B 631 1.25 7.36 -14.57
C ILE B 631 2.01 8.65 -14.30
N TRP B 632 2.23 8.97 -13.03
CA TRP B 632 2.93 10.20 -12.69
C TRP B 632 4.33 10.22 -13.31
N ASN B 633 5.04 9.09 -13.28
CA ASN B 633 6.37 9.03 -13.86
C ASN B 633 6.32 9.15 -15.38
N LEU B 634 5.29 8.58 -16.02
CA LEU B 634 5.13 8.78 -17.45
C LEU B 634 4.93 10.25 -17.79
N GLY B 635 4.16 10.95 -16.96
CA GLY B 635 4.00 12.38 -17.11
C GLY B 635 5.33 13.11 -17.03
N TYR B 636 6.06 12.85 -15.94
CA TYR B 636 7.40 13.41 -15.76
C TYR B 636 8.30 13.13 -16.96
N MET B 637 8.18 11.93 -17.54
CA MET B 637 9.00 11.57 -18.69
C MET B 637 8.63 12.40 -19.91
N HIS B 638 7.33 12.50 -20.19
CA HIS B 638 6.84 13.32 -21.29
C HIS B 638 7.29 14.77 -21.17
N GLU B 639 7.00 15.41 -20.04
CA GLU B 639 7.16 16.86 -19.95
C GLU B 639 8.62 17.30 -19.98
N HIS B 640 9.58 16.37 -20.02
CA HIS B 640 10.97 16.72 -20.19
C HIS B 640 11.42 16.40 -21.62
N GLY B 641 12.67 16.77 -21.92
CA GLY B 641 13.19 16.58 -23.25
C GLY B 641 13.51 15.14 -23.58
N LEU B 642 13.66 14.29 -22.56
CA LEU B 642 13.92 12.88 -22.78
C LEU B 642 12.74 12.23 -23.48
N GLY B 643 13.02 11.28 -24.36
CA GLY B 643 12.00 10.59 -25.12
C GLY B 643 11.16 11.53 -25.96
N VAL B 644 9.87 11.65 -25.61
CA VAL B 644 8.97 12.60 -26.27
C VAL B 644 9.46 14.01 -25.96
N ASN B 645 9.14 14.97 -26.81
CA ASN B 645 9.75 16.30 -26.77
C ASN B 645 8.75 17.33 -26.24
N ARG B 646 8.75 17.54 -24.92
CA ARG B 646 8.26 18.77 -24.29
C ARG B 646 6.77 19.01 -24.54
N ASP B 647 5.99 17.93 -24.62
CA ASP B 647 4.54 18.07 -24.85
C ASP B 647 3.83 18.32 -23.52
N PHE B 648 3.88 19.59 -23.10
CA PHE B 648 3.31 20.00 -21.82
C PHE B 648 1.84 19.63 -21.70
N HIS B 649 1.11 19.60 -22.82
CA HIS B 649 -0.32 19.31 -22.78
C HIS B 649 -0.57 17.90 -22.25
N LEU B 650 0.10 16.91 -22.82
CA LEU B 650 -0.07 15.53 -22.34
C LEU B 650 0.42 15.37 -20.91
N ALA B 651 1.41 16.17 -20.50
CA ALA B 651 1.85 16.15 -19.12
C ALA B 651 0.72 16.58 -18.18
N LYS B 652 0.10 17.72 -18.48
CA LYS B 652 -1.04 18.15 -17.67
C LYS B 652 -2.17 17.11 -17.73
N ARG B 653 -2.35 16.48 -18.89
CA ARG B 653 -3.35 15.43 -19.02
C ARG B 653 -3.10 14.31 -18.03
N TYR B 654 -1.86 13.80 -18.00
CA TYR B 654 -1.53 12.69 -17.12
C TYR B 654 -1.62 13.09 -15.65
N TYR B 655 -1.26 14.34 -15.33
CA TYR B 655 -1.36 14.79 -13.95
C TYR B 655 -2.81 14.89 -13.51
N ASP B 656 -3.68 15.42 -14.37
CA ASP B 656 -5.10 15.41 -14.05
C ASP B 656 -5.64 13.99 -13.94
N GLN B 657 -5.10 13.06 -14.74
CA GLN B 657 -5.51 11.67 -14.63
C GLN B 657 -5.16 11.10 -13.26
N VAL B 658 -3.91 11.28 -12.83
CA VAL B 658 -3.48 10.71 -11.56
C VAL B 658 -4.24 11.37 -10.40
N SER B 659 -4.61 12.64 -10.57
CA SER B 659 -5.46 13.28 -9.57
C SER B 659 -6.90 12.75 -9.60
N GLU B 660 -7.39 12.35 -10.78
CA GLU B 660 -8.76 11.88 -10.92
C GLU B 660 -8.94 10.47 -10.36
N HIS B 661 -8.02 9.57 -10.66
CA HIS B 661 -8.20 8.17 -10.30
C HIS B 661 -8.17 7.97 -8.79
N ASP B 662 -7.13 8.47 -8.13
CA ASP B 662 -6.99 8.31 -6.69
C ASP B 662 -6.94 9.68 -6.02
N HIS B 663 -7.12 9.67 -4.69
CA HIS B 663 -7.38 10.90 -3.94
C HIS B 663 -6.13 11.46 -3.27
N ARG B 664 -5.46 10.65 -2.45
CA ARG B 664 -4.40 11.17 -1.59
C ARG B 664 -3.27 11.84 -2.35
N PHE B 665 -3.16 11.61 -3.66
CA PHE B 665 -2.16 12.27 -4.47
C PHE B 665 -2.62 13.64 -4.99
N TYR B 666 -3.67 14.18 -4.39
CA TYR B 666 -4.19 15.50 -4.76
C TYR B 666 -3.09 16.56 -4.69
N LEU B 667 -2.47 16.71 -3.52
CA LEU B 667 -1.47 17.75 -3.29
C LEU B 667 -0.34 17.69 -4.32
N ALA B 668 0.20 16.49 -4.57
CA ALA B 668 1.33 16.36 -5.48
C ALA B 668 0.93 16.66 -6.92
N SER B 669 -0.24 16.19 -7.34
CA SER B 669 -0.74 16.53 -8.68
C SER B 669 -0.86 18.04 -8.84
N LYS B 670 -1.51 18.70 -7.87
CA LYS B 670 -1.70 20.14 -7.97
C LYS B 670 -0.37 20.89 -7.97
N LEU B 671 0.58 20.48 -7.12
CA LEU B 671 1.86 21.16 -7.06
C LEU B 671 2.65 20.95 -8.35
N SER B 672 2.51 19.78 -8.96
CA SER B 672 3.17 19.53 -10.24
C SER B 672 2.57 20.37 -11.36
N VAL B 673 1.24 20.47 -11.42
CA VAL B 673 0.61 21.36 -12.39
C VAL B 673 1.06 22.81 -12.13
N LEU B 674 1.27 23.16 -10.87
CA LEU B 674 1.72 24.51 -10.55
C LEU B 674 3.13 24.76 -11.05
N LYS B 675 4.04 23.79 -10.85
CA LYS B 675 5.38 23.89 -11.44
C LYS B 675 5.30 23.99 -12.95
N LEU B 676 4.36 23.26 -13.56
CA LEU B 676 4.17 23.31 -15.01
C LEU B 676 3.79 24.72 -15.45
N HIS B 677 2.78 25.30 -14.79
CA HIS B 677 2.37 26.67 -15.06
C HIS B 677 3.52 27.65 -14.88
N LEU B 678 4.32 27.46 -13.82
CA LEU B 678 5.42 28.38 -13.55
C LEU B 678 6.47 28.32 -14.65
N LYS B 679 6.82 27.10 -15.08
CA LYS B 679 7.72 26.94 -16.23
C LYS B 679 7.15 27.66 -17.45
N SER B 680 5.87 27.46 -17.73
CA SER B 680 5.24 28.08 -18.89
C SER B 680 5.36 29.60 -18.83
N TRP B 681 5.05 30.19 -17.68
CA TRP B 681 5.05 31.64 -17.58
C TRP B 681 6.46 32.22 -17.61
N LEU B 682 7.40 31.57 -16.93
CA LEU B 682 8.78 32.06 -16.95
C LEU B 682 9.45 31.84 -18.30
N TRP B 684 7.34 32.30 -21.01
CA TRP B 684 6.59 33.38 -21.64
C TRP B 684 7.31 34.71 -21.48
N ILE B 685 7.93 34.95 -20.32
CA ILE B 685 8.72 36.15 -20.13
C ILE B 685 9.89 36.20 -21.11
N THR B 686 10.48 35.06 -21.44
CA THR B 686 11.58 35.02 -22.38
C THR B 686 11.08 34.66 -23.78
#